data_6JP2
#
_entry.id   6JP2
#
_cell.length_a   112.380
_cell.length_b   112.780
_cell.length_c   107.430
_cell.angle_alpha   90.00
_cell.angle_beta   114.21
_cell.angle_gamma   90.00
#
_symmetry.space_group_name_H-M   'C 1 2 1'
#
loop_
_entity.id
_entity.type
_entity.pdbx_description
1 polymer 'Pyrrolysyl-tRNA synthetase'
2 water water
#
_entity_poly.entity_id   1
_entity_poly.type   'polypeptide(L)'
_entity_poly.pdbx_seq_one_letter_code
;GSHMTVKYTDAQIQRLREYGNGTYEQKVFEDLASRDAAFSKEMSVASTDNEKKIKGMIANPSRHGLTQLMNDIADALVAE
GFIEVRTPIFISKDALARMTITEDKPLFKQVFWIDEKRALRPMLAPNLYSVMRDLRDHTDGPVKIFEMGSCFRKESHSGM
HLEEFTMLNLVDMGPRGDATEVLKNYISVVMKAAGLPDYDLVQEESDVYKETIDVEINGQEVCSAAVGPHYLDAAHDVHE
PWSGAGFGLERLLTIREKYSTVKKGGASISYLNGAKIN
;
_entity_poly.pdbx_strand_id   A,B,C,D
#
# COMPACT_ATOMS: atom_id res chain seq x y z
N SER A 2 10.49 36.07 -17.53
CA SER A 2 9.09 35.66 -17.62
C SER A 2 8.33 36.02 -16.35
N HIS A 3 8.99 35.81 -15.21
CA HIS A 3 8.51 36.22 -13.89
C HIS A 3 7.32 35.41 -13.41
N MET A 4 7.38 34.95 -12.16
CA MET A 4 6.31 34.17 -11.53
C MET A 4 5.96 32.96 -12.37
N THR A 5 6.96 32.11 -12.58
CA THR A 5 6.88 30.96 -13.47
C THR A 5 6.78 29.63 -12.76
N VAL A 6 7.48 29.47 -11.64
CA VAL A 6 7.64 28.17 -10.99
C VAL A 6 6.64 28.05 -9.86
N LYS A 7 5.94 26.92 -9.81
CA LYS A 7 5.02 26.56 -8.74
C LYS A 7 5.63 25.45 -7.90
N TYR A 8 4.91 25.06 -6.86
CA TYR A 8 5.29 23.87 -6.11
C TYR A 8 5.19 22.64 -7.02
N THR A 9 6.16 21.74 -6.91
CA THR A 9 6.09 20.51 -7.67
C THR A 9 4.95 19.64 -7.17
N ASP A 10 4.58 18.65 -7.98
CA ASP A 10 3.52 17.72 -7.58
C ASP A 10 3.89 16.99 -6.30
N ALA A 11 5.15 16.61 -6.15
CA ALA A 11 5.60 15.97 -4.92
C ALA A 11 5.55 16.95 -3.75
N GLN A 12 5.91 18.22 -3.99
CA GLN A 12 5.85 19.21 -2.92
C GLN A 12 4.42 19.43 -2.46
N ILE A 13 3.46 19.42 -3.40
CA ILE A 13 2.06 19.62 -3.04
C ILE A 13 1.58 18.50 -2.13
N GLN A 14 1.92 17.25 -2.49
CA GLN A 14 1.49 16.12 -1.67
C GLN A 14 2.09 16.16 -0.28
N ARG A 15 3.37 16.53 -0.18
CA ARG A 15 4.02 16.63 1.13
C ARG A 15 3.40 17.73 1.98
N LEU A 16 3.07 18.87 1.37
CA LEU A 16 2.47 19.96 2.11
C LEU A 16 1.07 19.61 2.58
N ARG A 17 0.30 18.89 1.76
CA ARG A 17 -1.08 18.57 2.09
C ARG A 17 -1.22 17.47 3.11
N GLU A 18 -0.14 16.72 3.41
CA GLU A 18 -0.24 15.63 4.36
C GLU A 18 -0.59 16.13 5.75
N TYR A 19 0.09 17.20 6.19
CA TYR A 19 -0.15 17.79 7.50
C TYR A 19 -0.77 19.17 7.43
N GLY A 20 -0.77 19.82 6.27
CA GLY A 20 -1.23 21.19 6.13
C GLY A 20 -2.51 21.27 5.32
N ASN A 21 -3.29 22.33 5.58
CA ASN A 21 -4.58 22.54 4.93
C ASN A 21 -4.63 23.92 4.26
N GLY A 22 -3.48 24.43 3.81
CA GLY A 22 -3.45 25.64 3.04
C GLY A 22 -3.79 25.39 1.58
N THR A 23 -3.73 26.46 0.80
CA THR A 23 -3.97 26.40 -0.65
C THR A 23 -2.63 26.58 -1.36
N TYR A 24 -1.82 25.53 -1.33
CA TYR A 24 -0.47 25.60 -1.85
C TYR A 24 -0.40 25.57 -3.36
N GLU A 25 -1.46 25.10 -4.04
CA GLU A 25 -1.47 25.03 -5.49
C GLU A 25 -1.64 26.39 -6.15
N GLN A 26 -1.78 27.47 -5.38
CA GLN A 26 -1.89 28.82 -5.92
C GLN A 26 -0.60 29.61 -5.80
N LYS A 27 0.39 29.11 -5.08
CA LYS A 27 1.63 29.86 -4.89
C LYS A 27 2.44 29.87 -6.18
N VAL A 28 2.95 31.04 -6.55
CA VAL A 28 3.87 31.19 -7.68
C VAL A 28 5.16 31.79 -7.15
N PHE A 29 6.25 31.54 -7.88
CA PHE A 29 7.57 31.95 -7.43
C PHE A 29 8.40 32.38 -8.63
N GLU A 30 9.51 33.06 -8.33
CA GLU A 30 10.37 33.59 -9.38
C GLU A 30 11.30 32.53 -9.95
N ASP A 31 11.99 31.78 -9.07
CA ASP A 31 12.93 30.75 -9.49
C ASP A 31 12.83 29.58 -8.53
N LEU A 32 13.69 28.58 -8.75
CA LEU A 32 13.67 27.37 -7.93
C LEU A 32 14.08 27.67 -6.49
N ALA A 33 15.00 28.62 -6.29
CA ALA A 33 15.47 28.91 -4.94
C ALA A 33 14.36 29.46 -4.07
N SER A 34 13.54 30.37 -4.61
CA SER A 34 12.43 30.92 -3.85
C SER A 34 11.39 29.84 -3.54
N ARG A 35 11.14 28.95 -4.50
CA ARG A 35 10.19 27.86 -4.27
C ARG A 35 10.65 26.96 -3.13
N ASP A 36 11.92 26.55 -3.16
CA ASP A 36 12.44 25.66 -2.12
C ASP A 36 12.48 26.35 -0.76
N ALA A 37 12.81 27.64 -0.74
CA ALA A 37 12.83 28.38 0.52
C ALA A 37 11.42 28.48 1.11
N ALA A 38 10.43 28.80 0.26
CA ALA A 38 9.06 28.89 0.74
C ALA A 38 8.48 27.52 1.07
N PHE A 39 8.88 26.49 0.33
CA PHE A 39 8.44 25.13 0.64
C PHE A 39 8.91 24.71 2.02
N SER A 40 10.18 24.99 2.34
CA SER A 40 10.71 24.63 3.65
C SER A 40 9.95 25.35 4.76
N LYS A 41 9.58 26.62 4.54
CA LYS A 41 8.87 27.37 5.56
C LYS A 41 7.44 26.86 5.72
N GLU A 42 6.76 26.56 4.61
CA GLU A 42 5.37 26.14 4.70
C GLU A 42 5.24 24.71 5.24
N MET A 43 6.23 23.86 4.99
CA MET A 43 6.23 22.52 5.59
C MET A 43 6.37 22.62 7.10
N SER A 44 7.22 23.53 7.58
CA SER A 44 7.38 23.71 9.02
C SER A 44 6.11 24.26 9.65
N VAL A 45 5.46 25.21 8.98
CA VAL A 45 4.23 25.79 9.51
C VAL A 45 3.11 24.76 9.50
N ALA A 46 3.02 23.98 8.43
CA ALA A 46 1.98 22.96 8.33
C ALA A 46 2.10 21.93 9.45
N SER A 47 3.32 21.43 9.69
CA SER A 47 3.51 20.43 10.72
C SER A 47 3.26 21.00 12.11
N THR A 48 3.68 22.24 12.34
CA THR A 48 3.48 22.85 13.65
C THR A 48 2.01 23.19 13.88
N ASP A 49 1.34 23.75 12.86
CA ASP A 49 -0.09 24.03 12.98
C ASP A 49 -0.88 22.76 13.21
N ASN A 50 -0.46 21.66 12.59
CA ASN A 50 -1.15 20.38 12.78
C ASN A 50 -1.01 19.89 14.22
N GLU A 51 0.19 20.03 14.80
CA GLU A 51 0.41 19.61 16.17
C GLU A 51 -0.41 20.44 17.15
N LYS A 52 -0.53 21.74 16.90
CA LYS A 52 -1.30 22.62 17.77
C LYS A 52 -2.77 22.23 17.79
N LYS A 53 -3.31 21.86 16.63
CA LYS A 53 -4.73 21.52 16.56
C LYS A 53 -5.03 20.24 17.32
N ILE A 54 -4.11 19.26 17.27
CA ILE A 54 -4.32 18.02 18.00
C ILE A 54 -4.34 18.28 19.50
N LYS A 55 -3.41 19.10 19.99
CA LYS A 55 -3.38 19.42 21.41
C LYS A 55 -4.57 20.27 21.81
N GLY A 56 -5.13 21.05 20.88
CA GLY A 56 -6.35 21.78 21.18
C GLY A 56 -7.56 20.89 21.32
N MET A 57 -7.57 19.76 20.61
CA MET A 57 -8.68 18.81 20.73
C MET A 57 -8.60 18.03 22.03
N ILE A 58 -7.41 17.56 22.40
CA ILE A 58 -7.25 16.84 23.66
C ILE A 58 -7.56 17.77 24.83
N ALA A 59 -7.20 19.03 24.72
CA ALA A 59 -7.42 19.97 25.82
C ALA A 59 -8.88 20.41 25.90
N ASN A 60 -9.53 20.60 24.76
CA ASN A 60 -10.94 21.00 24.71
C ASN A 60 -11.65 20.21 23.63
N PRO A 61 -12.03 18.96 23.94
CA PRO A 61 -12.68 18.12 22.94
C PRO A 61 -14.07 18.62 22.58
N SER A 62 -14.50 18.24 21.38
CA SER A 62 -15.83 18.57 20.89
C SER A 62 -16.36 17.36 20.13
N ARG A 63 -17.58 17.49 19.61
CA ARG A 63 -18.12 16.46 18.75
C ARG A 63 -17.28 16.33 17.48
N HIS A 64 -17.32 15.16 16.87
CA HIS A 64 -16.63 14.96 15.61
C HIS A 64 -17.23 15.87 14.55
N GLY A 65 -16.35 16.46 13.73
CA GLY A 65 -16.81 17.40 12.72
C GLY A 65 -17.86 16.81 11.79
N LEU A 66 -17.69 15.55 11.40
CA LEU A 66 -18.70 14.90 10.56
C LEU A 66 -19.99 14.69 11.32
N THR A 67 -19.91 14.24 12.58
CA THR A 67 -21.11 14.07 13.39
C THR A 67 -21.77 15.40 13.72
N GLN A 68 -20.97 16.47 13.87
CA GLN A 68 -21.55 17.79 14.07
C GLN A 68 -22.26 18.27 12.82
N LEU A 69 -21.64 18.06 11.65
CA LEU A 69 -22.28 18.41 10.39
C LEU A 69 -23.61 17.70 10.22
N MET A 70 -23.67 16.41 10.57
CA MET A 70 -24.89 15.65 10.43
C MET A 70 -25.99 16.18 11.35
N ASN A 71 -25.63 16.55 12.58
CA ASN A 71 -26.63 17.04 13.53
C ASN A 71 -27.19 18.39 13.09
N ASP A 72 -26.33 19.28 12.57
CA ASP A 72 -26.80 20.59 12.14
C ASP A 72 -27.78 20.50 10.98
N ILE A 73 -27.48 19.65 9.99
CA ILE A 73 -28.37 19.51 8.84
C ILE A 73 -29.65 18.80 9.25
N ALA A 74 -29.53 17.72 10.02
CA ALA A 74 -30.70 16.93 10.37
C ALA A 74 -31.70 17.74 11.20
N ASP A 75 -31.21 18.54 12.14
CA ASP A 75 -32.10 19.39 12.93
C ASP A 75 -32.83 20.39 12.04
N ALA A 76 -32.13 20.95 11.04
CA ALA A 76 -32.77 21.87 10.12
C ALA A 76 -33.82 21.16 9.26
N LEU A 77 -33.56 19.90 8.90
CA LEU A 77 -34.52 19.15 8.10
C LEU A 77 -35.70 18.67 8.94
N VAL A 78 -35.47 18.32 10.21
CA VAL A 78 -36.57 17.98 11.10
C VAL A 78 -37.46 19.19 11.31
N ALA A 79 -36.85 20.38 11.45
CA ALA A 79 -37.63 21.61 11.60
C ALA A 79 -38.43 21.93 10.33
N GLU A 80 -38.01 21.40 9.18
CA GLU A 80 -38.76 21.56 7.94
C GLU A 80 -39.86 20.52 7.77
N GLY A 81 -40.03 19.61 8.73
CA GLY A 81 -41.05 18.60 8.66
C GLY A 81 -40.60 17.26 8.13
N PHE A 82 -39.30 17.03 8.00
CA PHE A 82 -38.77 15.76 7.52
C PHE A 82 -38.61 14.79 8.68
N ILE A 83 -38.91 13.51 8.42
CA ILE A 83 -38.70 12.45 9.39
C ILE A 83 -37.32 11.85 9.14
N GLU A 84 -36.50 11.77 10.19
CA GLU A 84 -35.23 11.10 10.08
C GLU A 84 -35.45 9.59 10.17
N VAL A 85 -34.98 8.86 9.17
CA VAL A 85 -35.05 7.41 9.17
C VAL A 85 -33.63 6.85 9.15
N ARG A 86 -33.51 5.60 9.56
CA ARG A 86 -32.22 4.91 9.62
C ARG A 86 -32.43 3.50 9.09
N THR A 87 -31.76 3.17 8.00
CA THR A 87 -31.93 1.89 7.34
C THR A 87 -30.65 1.07 7.43
N PRO A 88 -30.75 -0.27 7.34
CA PRO A 88 -29.55 -1.09 7.46
C PRO A 88 -28.57 -0.85 6.31
N ILE A 89 -27.30 -1.14 6.57
CA ILE A 89 -26.28 -1.02 5.54
C ILE A 89 -26.39 -2.15 4.54
N PHE A 90 -26.82 -3.33 4.98
CA PHE A 90 -27.00 -4.46 4.07
C PHE A 90 -28.25 -4.26 3.24
N ILE A 91 -28.14 -4.51 1.93
CA ILE A 91 -29.30 -4.59 1.05
C ILE A 91 -29.17 -5.87 0.23
N SER A 92 -30.32 -6.33 -0.26
CA SER A 92 -30.38 -7.61 -0.96
C SER A 92 -30.01 -7.46 -2.43
N LYS A 93 -29.56 -8.56 -3.02
CA LYS A 93 -29.27 -8.59 -4.45
C LYS A 93 -30.51 -8.28 -5.27
N ASP A 94 -31.68 -8.72 -4.82
CA ASP A 94 -32.92 -8.40 -5.52
C ASP A 94 -33.26 -6.92 -5.40
N ALA A 95 -32.86 -6.28 -4.30
CA ALA A 95 -33.05 -4.83 -4.20
C ALA A 95 -32.16 -4.09 -5.18
N LEU A 96 -30.91 -4.56 -5.35
CA LEU A 96 -30.04 -3.98 -6.36
C LEU A 96 -30.58 -4.22 -7.76
N ALA A 97 -31.05 -5.44 -8.04
CA ALA A 97 -31.61 -5.74 -9.36
C ALA A 97 -32.82 -4.87 -9.65
N ARG A 98 -33.65 -4.60 -8.65
CA ARG A 98 -34.78 -3.71 -8.84
C ARG A 98 -34.35 -2.29 -9.16
N MET A 99 -33.10 -1.93 -8.85
CA MET A 99 -32.53 -0.64 -9.21
C MET A 99 -31.78 -0.70 -10.53
N THR A 100 -32.01 -1.75 -11.34
CA THR A 100 -31.25 -2.01 -12.58
C THR A 100 -29.76 -2.13 -12.30
N ILE A 101 -29.39 -2.47 -11.07
CA ILE A 101 -27.99 -2.73 -10.74
C ILE A 101 -27.70 -4.19 -11.02
N THR A 102 -27.60 -4.54 -12.30
CA THR A 102 -27.23 -5.87 -12.75
C THR A 102 -25.87 -5.80 -13.44
N GLU A 103 -25.51 -6.90 -14.09
CA GLU A 103 -24.17 -7.06 -14.64
C GLU A 103 -24.10 -6.47 -16.05
N ASP A 104 -22.87 -6.13 -16.46
CA ASP A 104 -22.58 -5.37 -17.66
C ASP A 104 -23.06 -3.93 -17.54
N LYS A 105 -23.87 -3.66 -16.53
CA LYS A 105 -24.04 -2.30 -16.04
C LYS A 105 -22.83 -1.94 -15.18
N PRO A 106 -22.08 -0.90 -15.50
CA PRO A 106 -20.78 -0.68 -14.84
C PRO A 106 -20.86 -0.54 -13.32
N LEU A 107 -21.96 -0.02 -12.77
CA LEU A 107 -22.05 0.17 -11.32
C LEU A 107 -21.97 -1.15 -10.57
N PHE A 108 -22.36 -2.26 -11.20
CA PHE A 108 -22.33 -3.55 -10.53
C PHE A 108 -20.93 -3.87 -10.01
N LYS A 109 -19.89 -3.54 -10.79
CA LYS A 109 -18.54 -3.86 -10.34
C LYS A 109 -18.11 -3.08 -9.11
N GLN A 110 -18.78 -1.98 -8.80
CA GLN A 110 -18.43 -1.17 -7.63
C GLN A 110 -19.05 -1.69 -6.34
N VAL A 111 -19.88 -2.71 -6.41
CA VAL A 111 -20.68 -3.15 -5.27
C VAL A 111 -19.85 -4.10 -4.39
N PHE A 112 -19.85 -3.83 -3.09
CA PHE A 112 -19.20 -4.70 -2.11
C PHE A 112 -20.18 -5.80 -1.72
N TRP A 113 -19.89 -7.03 -2.13
CA TRP A 113 -20.77 -8.16 -1.85
C TRP A 113 -20.42 -8.78 -0.50
N ILE A 114 -21.44 -9.02 0.31
CA ILE A 114 -21.26 -9.64 1.63
C ILE A 114 -21.40 -11.15 1.54
N ASP A 115 -22.45 -11.63 0.88
CA ASP A 115 -22.59 -13.02 0.52
C ASP A 115 -23.22 -13.06 -0.87
N GLU A 116 -23.76 -14.22 -1.25
CA GLU A 116 -24.37 -14.35 -2.56
C GLU A 116 -25.69 -13.58 -2.67
N LYS A 117 -26.34 -13.30 -1.54
CA LYS A 117 -27.66 -12.69 -1.55
C LYS A 117 -27.69 -11.25 -1.02
N ARG A 118 -26.62 -10.79 -0.37
CA ARG A 118 -26.63 -9.47 0.27
C ARG A 118 -25.35 -8.72 -0.08
N ALA A 119 -25.43 -7.39 0.00
CA ALA A 119 -24.31 -6.54 -0.33
C ALA A 119 -24.38 -5.25 0.48
N LEU A 120 -23.26 -4.56 0.55
CA LEU A 120 -23.24 -3.22 1.14
C LEU A 120 -23.91 -2.23 0.20
N ARG A 121 -24.72 -1.35 0.76
CA ARG A 121 -25.43 -0.37 -0.07
C ARG A 121 -24.43 0.58 -0.72
N PRO A 122 -24.49 0.77 -2.04
CA PRO A 122 -23.72 1.85 -2.68
C PRO A 122 -24.43 3.18 -2.69
N MET A 123 -25.72 3.20 -2.32
CA MET A 123 -26.52 4.41 -2.29
C MET A 123 -27.68 4.17 -1.33
N LEU A 124 -28.36 5.26 -0.97
CA LEU A 124 -29.48 5.18 -0.04
C LEU A 124 -30.82 4.95 -0.73
N ALA A 125 -30.86 5.01 -2.06
CA ALA A 125 -32.13 4.89 -2.77
C ALA A 125 -32.87 3.58 -2.55
N PRO A 126 -32.23 2.40 -2.54
CA PRO A 126 -33.03 1.16 -2.38
C PRO A 126 -33.86 1.12 -1.11
N ASN A 127 -33.27 1.44 0.04
CA ASN A 127 -34.03 1.40 1.28
C ASN A 127 -35.01 2.57 1.38
N LEU A 128 -34.62 3.74 0.86
CA LEU A 128 -35.52 4.89 0.89
C LEU A 128 -36.76 4.65 0.05
N TYR A 129 -36.61 3.95 -1.08
CA TYR A 129 -37.77 3.56 -1.89
C TYR A 129 -38.78 2.78 -1.05
N SER A 130 -38.30 1.84 -0.25
CA SER A 130 -39.19 1.01 0.56
C SER A 130 -39.92 1.83 1.61
N VAL A 131 -39.21 2.76 2.27
CA VAL A 131 -39.82 3.55 3.33
C VAL A 131 -40.82 4.54 2.76
N MET A 132 -40.52 5.12 1.60
CA MET A 132 -41.46 6.04 0.95
C MET A 132 -42.80 5.34 0.69
N ARG A 133 -42.76 4.19 0.03
CA ARG A 133 -43.99 3.48 -0.30
C ARG A 133 -44.75 3.07 0.95
N ASP A 134 -44.04 2.61 1.98
CA ASP A 134 -44.71 2.14 3.19
C ASP A 134 -45.39 3.29 3.93
N LEU A 135 -44.78 4.47 3.92
CA LEU A 135 -45.38 5.61 4.60
C LEU A 135 -46.57 6.18 3.83
N ARG A 136 -46.62 5.97 2.51
CA ARG A 136 -47.78 6.40 1.75
C ARG A 136 -49.05 5.69 2.21
N ASP A 137 -48.92 4.46 2.72
CA ASP A 137 -50.07 3.73 3.23
C ASP A 137 -50.64 4.33 4.51
N HIS A 138 -49.91 5.24 5.16
CA HIS A 138 -50.32 5.79 6.45
C HIS A 138 -50.67 7.27 6.39
N THR A 139 -50.60 7.89 5.22
CA THR A 139 -50.92 9.30 5.09
C THR A 139 -51.21 9.61 3.63
N ASP A 140 -51.96 10.68 3.41
CA ASP A 140 -52.23 11.19 2.08
C ASP A 140 -51.54 12.52 1.80
N GLY A 141 -50.87 13.10 2.80
CA GLY A 141 -50.08 14.29 2.60
C GLY A 141 -48.69 13.95 2.12
N PRO A 142 -47.79 14.93 2.16
CA PRO A 142 -46.41 14.68 1.71
C PRO A 142 -45.70 13.69 2.62
N VAL A 143 -44.85 12.87 2.01
CA VAL A 143 -43.97 11.96 2.73
C VAL A 143 -42.58 12.57 2.68
N LYS A 144 -42.12 13.12 3.80
CA LYS A 144 -40.85 13.83 3.89
C LYS A 144 -39.93 13.07 4.82
N ILE A 145 -38.91 12.41 4.25
CA ILE A 145 -37.97 11.62 5.01
C ILE A 145 -36.55 11.98 4.58
N PHE A 146 -35.58 11.59 5.42
CA PHE A 146 -34.18 11.73 5.08
C PHE A 146 -33.38 10.75 5.92
N GLU A 147 -32.20 10.38 5.41
CA GLU A 147 -31.29 9.50 6.11
C GLU A 147 -29.85 9.93 5.83
N MET A 148 -29.01 9.86 6.86
CA MET A 148 -27.58 10.04 6.74
C MET A 148 -26.90 8.76 7.18
N GLY A 149 -26.04 8.21 6.32
CA GLY A 149 -25.40 6.95 6.64
C GLY A 149 -24.31 6.62 5.65
N SER A 150 -23.46 5.68 6.06
CA SER A 150 -22.34 5.27 5.23
C SER A 150 -22.83 4.48 4.01
N CYS A 151 -22.21 4.76 2.87
CA CYS A 151 -22.40 3.98 1.65
C CYS A 151 -21.03 3.55 1.16
N PHE A 152 -21.00 2.48 0.37
CA PHE A 152 -19.75 1.81 0.02
C PHE A 152 -19.68 1.54 -1.47
N ARG A 153 -18.56 1.93 -2.09
CA ARG A 153 -18.28 1.66 -3.49
C ARG A 153 -16.80 1.34 -3.63
N LYS A 154 -16.49 0.42 -4.54
CA LYS A 154 -15.10 0.03 -4.76
C LYS A 154 -14.33 1.16 -5.42
N GLU A 155 -13.16 1.48 -4.87
CA GLU A 155 -12.37 2.60 -5.37
C GLU A 155 -11.87 2.35 -6.79
N SER A 156 -11.38 1.13 -7.06
CA SER A 156 -10.79 0.80 -8.35
C SER A 156 -11.86 0.36 -9.34
N HIS A 157 -12.81 1.27 -9.59
CA HIS A 157 -13.84 1.11 -10.61
C HIS A 157 -14.65 2.38 -10.74
N SER A 158 -14.42 3.34 -9.83
CA SER A 158 -15.19 4.58 -9.81
C SER A 158 -14.38 5.81 -9.46
N GLY A 159 -13.10 5.68 -9.08
CA GLY A 159 -12.36 6.82 -8.57
C GLY A 159 -12.86 7.24 -7.21
N MET A 160 -13.57 8.37 -7.14
CA MET A 160 -14.31 8.79 -5.95
C MET A 160 -13.42 9.09 -4.74
N HIS A 161 -12.25 8.45 -4.67
CA HIS A 161 -11.25 8.64 -3.63
C HIS A 161 -11.67 8.05 -2.27
N LEU A 162 -12.96 7.95 -2.02
CA LEU A 162 -13.48 7.42 -0.76
C LEU A 162 -14.27 6.14 -1.04
N GLU A 163 -13.86 5.05 -0.41
CA GLU A 163 -14.63 3.80 -0.50
C GLU A 163 -15.84 3.84 0.42
N GLU A 164 -15.65 4.29 1.66
CA GLU A 164 -16.74 4.56 2.58
C GLU A 164 -16.99 6.05 2.62
N PHE A 165 -18.24 6.45 2.37
CA PHE A 165 -18.63 7.85 2.37
C PHE A 165 -20.01 7.98 2.97
N THR A 166 -20.25 9.11 3.63
CA THR A 166 -21.53 9.37 4.29
C THR A 166 -22.42 10.18 3.35
N MET A 167 -23.59 9.64 3.03
CA MET A 167 -24.54 10.29 2.15
C MET A 167 -25.71 10.84 2.95
N LEU A 168 -26.22 11.97 2.51
CA LEU A 168 -27.50 12.50 2.99
C LEU A 168 -28.46 12.54 1.80
N ASN A 169 -29.57 11.83 1.92
CA ASN A 169 -30.63 11.84 0.92
C ASN A 169 -31.92 12.24 1.59
N LEU A 170 -32.58 13.26 1.03
CA LEU A 170 -33.89 13.68 1.49
C LEU A 170 -34.89 13.45 0.36
N VAL A 171 -36.12 13.10 0.73
CA VAL A 171 -37.17 12.80 -0.23
C VAL A 171 -38.46 13.47 0.23
N ASP A 172 -39.15 14.13 -0.68
CA ASP A 172 -40.46 14.73 -0.43
C ASP A 172 -41.42 14.13 -1.46
N MET A 173 -42.05 13.02 -1.11
CA MET A 173 -42.98 12.34 -2.01
C MET A 173 -44.36 12.96 -1.87
N GLY A 174 -44.92 13.40 -2.99
CA GLY A 174 -46.21 14.04 -3.00
C GLY A 174 -46.28 15.16 -4.03
N PRO A 175 -47.44 15.33 -4.65
CA PRO A 175 -47.58 16.36 -5.68
C PRO A 175 -47.40 17.76 -5.11
N ARG A 176 -46.73 18.61 -5.88
CA ARG A 176 -46.47 19.98 -5.49
C ARG A 176 -46.84 20.92 -6.64
N GLY A 177 -47.28 22.12 -6.28
CA GLY A 177 -47.58 23.12 -7.30
C GLY A 177 -46.35 23.56 -8.06
N ASP A 178 -45.19 23.57 -7.40
CA ASP A 178 -43.92 23.93 -8.05
C ASP A 178 -42.83 23.14 -7.33
N ALA A 179 -42.59 21.92 -7.80
CA ALA A 179 -41.61 21.05 -7.16
C ALA A 179 -40.20 21.64 -7.22
N THR A 180 -39.93 22.48 -8.22
CA THR A 180 -38.61 23.10 -8.33
C THR A 180 -38.33 24.02 -7.16
N GLU A 181 -39.25 24.95 -6.89
CA GLU A 181 -39.09 25.84 -5.75
C GLU A 181 -39.02 25.05 -4.45
N VAL A 182 -39.80 23.97 -4.35
CA VAL A 182 -39.74 23.11 -3.17
C VAL A 182 -38.36 22.48 -3.05
N LEU A 183 -37.77 22.06 -4.17
CA LEU A 183 -36.44 21.47 -4.16
C LEU A 183 -35.39 22.50 -3.77
N LYS A 184 -35.43 23.68 -4.39
CA LYS A 184 -34.44 24.71 -4.10
C LYS A 184 -34.52 25.18 -2.65
N ASN A 185 -35.72 25.18 -2.07
CA ASN A 185 -35.85 25.54 -0.67
C ASN A 185 -35.20 24.49 0.24
N TYR A 186 -35.37 23.20 -0.11
CA TYR A 186 -34.73 22.15 0.67
C TYR A 186 -33.22 22.22 0.57
N ILE A 187 -32.71 22.45 -0.64
CA ILE A 187 -31.26 22.60 -0.82
C ILE A 187 -30.75 23.79 -0.01
N SER A 188 -31.48 24.90 -0.04
CA SER A 188 -31.11 26.06 0.76
C SER A 188 -31.08 25.72 2.24
N VAL A 189 -32.04 24.91 2.70
CA VAL A 189 -32.08 24.52 4.11
C VAL A 189 -30.83 23.73 4.48
N VAL A 190 -30.41 22.81 3.61
CA VAL A 190 -29.22 22.00 3.91
C VAL A 190 -27.96 22.85 3.82
N MET A 191 -27.82 23.62 2.74
CA MET A 191 -26.57 24.35 2.50
C MET A 191 -26.32 25.39 3.60
N LYS A 192 -27.37 26.07 4.07
CA LYS A 192 -27.18 27.03 5.15
C LYS A 192 -26.82 26.31 6.45
N ALA A 193 -27.42 25.14 6.70
CA ALA A 193 -27.17 24.42 7.94
C ALA A 193 -25.80 23.76 7.94
N ALA A 194 -25.28 23.41 6.76
CA ALA A 194 -23.91 22.93 6.66
C ALA A 194 -22.88 24.04 6.79
N GLY A 195 -23.33 25.30 6.85
CA GLY A 195 -22.40 26.41 6.91
C GLY A 195 -21.88 26.88 5.57
N LEU A 196 -22.58 26.55 4.49
CA LEU A 196 -22.19 26.95 3.13
C LEU A 196 -23.36 27.69 2.49
N PRO A 197 -23.63 28.93 2.92
CA PRO A 197 -24.81 29.64 2.42
C PRO A 197 -24.66 30.14 0.99
N ASP A 198 -23.45 30.21 0.46
CA ASP A 198 -23.20 30.71 -0.89
C ASP A 198 -22.78 29.56 -1.79
N TYR A 199 -23.51 29.38 -2.88
CA TYR A 199 -23.29 28.25 -3.79
C TYR A 199 -23.92 28.59 -5.12
N ASP A 200 -23.71 27.70 -6.10
CA ASP A 200 -24.24 27.85 -7.44
C ASP A 200 -25.22 26.73 -7.76
N LEU A 201 -26.30 27.08 -8.45
CA LEU A 201 -27.31 26.12 -8.87
C LEU A 201 -27.23 25.92 -10.38
N VAL A 202 -27.32 24.67 -10.81
CA VAL A 202 -27.34 24.32 -12.23
C VAL A 202 -28.63 23.55 -12.49
N GLN A 203 -29.55 24.18 -13.23
CA GLN A 203 -30.85 23.59 -13.52
C GLN A 203 -30.89 23.16 -14.98
N GLU A 204 -31.14 21.88 -15.21
CA GLU A 204 -31.23 21.33 -16.55
C GLU A 204 -32.45 20.42 -16.64
N GLU A 205 -33.04 20.36 -17.83
CA GLU A 205 -34.05 19.34 -18.10
C GLU A 205 -33.36 17.99 -18.27
N SER A 206 -34.11 16.92 -18.01
CA SER A 206 -33.52 15.59 -17.90
C SER A 206 -34.26 14.59 -18.76
N ASP A 207 -33.58 13.48 -19.06
CA ASP A 207 -34.14 12.36 -19.80
C ASP A 207 -34.84 11.36 -18.89
N VAL A 208 -34.16 10.93 -17.82
CA VAL A 208 -34.72 9.94 -16.92
C VAL A 208 -35.59 10.58 -15.84
N TYR A 209 -35.18 11.72 -15.31
CA TYR A 209 -36.01 12.48 -14.39
C TYR A 209 -36.86 13.49 -15.18
N LYS A 210 -37.61 14.30 -14.45
CA LYS A 210 -38.32 15.42 -15.08
C LYS A 210 -37.51 16.71 -15.06
N GLU A 211 -36.57 16.83 -14.13
CA GLU A 211 -35.72 18.01 -14.00
C GLU A 211 -34.62 17.74 -12.98
N THR A 212 -33.38 18.05 -13.33
CA THR A 212 -32.26 17.87 -12.42
C THR A 212 -31.75 19.22 -11.94
N ILE A 213 -31.19 19.21 -10.73
CA ILE A 213 -30.60 20.40 -10.12
C ILE A 213 -29.29 19.98 -9.45
N ASP A 214 -28.18 20.51 -9.94
CA ASP A 214 -26.86 20.22 -9.39
C ASP A 214 -26.32 21.46 -8.69
N VAL A 215 -25.77 21.27 -7.50
CA VAL A 215 -25.26 22.36 -6.68
C VAL A 215 -23.74 22.38 -6.79
N GLU A 216 -23.19 23.58 -7.01
CA GLU A 216 -21.76 23.75 -7.20
C GLU A 216 -21.22 24.80 -6.23
N ILE A 217 -19.98 24.60 -5.80
CA ILE A 217 -19.21 25.59 -5.07
C ILE A 217 -17.82 25.61 -5.69
N ASN A 218 -17.52 26.68 -6.44
CA ASN A 218 -16.24 26.84 -7.14
C ASN A 218 -16.00 25.67 -8.09
N GLY A 219 -17.01 25.34 -8.88
CA GLY A 219 -16.92 24.26 -9.85
C GLY A 219 -16.92 22.87 -9.27
N GLN A 220 -17.04 22.72 -7.95
CA GLN A 220 -17.01 21.41 -7.31
C GLN A 220 -18.43 20.88 -7.13
N GLU A 221 -18.64 19.64 -7.55
CA GLU A 221 -19.93 18.98 -7.38
C GLU A 221 -20.19 18.76 -5.90
N VAL A 222 -21.36 19.18 -5.43
CA VAL A 222 -21.65 19.23 -4.01
C VAL A 222 -22.94 18.46 -3.71
N CYS A 223 -23.93 18.59 -4.61
CA CYS A 223 -25.20 17.91 -4.45
C CYS A 223 -25.83 17.72 -5.82
N SER A 224 -26.48 16.57 -6.01
CA SER A 224 -27.24 16.27 -7.21
C SER A 224 -28.68 16.00 -6.80
N ALA A 225 -29.58 16.90 -7.19
CA ALA A 225 -31.00 16.79 -6.89
C ALA A 225 -31.79 16.56 -8.17
N ALA A 226 -33.05 16.18 -8.00
CA ALA A 226 -33.90 15.90 -9.15
C ALA A 226 -35.37 15.96 -8.73
N VAL A 227 -36.23 16.16 -9.73
CA VAL A 227 -37.68 16.14 -9.54
C VAL A 227 -38.22 14.91 -10.27
N GLY A 228 -38.95 14.06 -9.54
CA GLY A 228 -39.52 12.88 -10.13
C GLY A 228 -40.73 13.21 -10.99
N PRO A 229 -41.35 12.16 -11.55
CA PRO A 229 -41.01 10.75 -11.39
C PRO A 229 -39.76 10.29 -12.14
N HIS A 230 -39.29 9.11 -11.76
CA HIS A 230 -38.17 8.43 -12.40
C HIS A 230 -38.66 7.09 -12.93
N TYR A 231 -38.01 6.59 -13.98
CA TYR A 231 -38.49 5.36 -14.61
C TYR A 231 -38.34 4.13 -13.72
N LEU A 232 -37.67 4.26 -12.58
CA LEU A 232 -37.58 3.17 -11.61
C LEU A 232 -38.65 3.25 -10.53
N ASP A 233 -39.53 4.26 -10.58
CA ASP A 233 -40.55 4.40 -9.56
C ASP A 233 -41.58 3.27 -9.64
N ALA A 234 -41.90 2.82 -10.85
CA ALA A 234 -42.89 1.76 -10.99
C ALA A 234 -42.39 0.45 -10.42
N ALA A 235 -41.09 0.17 -10.58
CA ALA A 235 -40.51 -1.06 -10.03
C ALA A 235 -40.57 -1.12 -8.51
N HIS A 236 -40.71 0.04 -7.86
CA HIS A 236 -40.80 0.11 -6.40
C HIS A 236 -42.21 0.49 -5.93
N ASP A 237 -43.20 0.38 -6.82
CA ASP A 237 -44.60 0.67 -6.49
C ASP A 237 -44.79 2.13 -6.07
N VAL A 238 -44.07 3.03 -6.75
CA VAL A 238 -44.21 4.47 -6.56
C VAL A 238 -44.82 5.04 -7.84
N HIS A 239 -45.94 5.74 -7.70
CA HIS A 239 -46.66 6.31 -8.84
C HIS A 239 -47.19 7.70 -8.49
N GLU A 240 -46.28 8.58 -8.09
CA GLU A 240 -46.64 9.95 -7.75
C GLU A 240 -45.40 10.82 -7.83
N PRO A 241 -45.54 12.13 -7.97
CA PRO A 241 -44.37 13.01 -8.03
C PRO A 241 -43.60 13.01 -6.72
N TRP A 242 -42.31 13.33 -6.84
CA TRP A 242 -41.44 13.45 -5.67
C TRP A 242 -40.20 14.22 -6.08
N SER A 243 -39.56 14.83 -5.09
CA SER A 243 -38.33 15.57 -5.28
C SER A 243 -37.32 15.15 -4.21
N GLY A 244 -36.05 15.03 -4.61
CA GLY A 244 -35.03 14.56 -3.70
C GLY A 244 -33.70 15.22 -3.97
N ALA A 245 -32.78 15.06 -3.03
CA ALA A 245 -31.45 15.62 -3.13
C ALA A 245 -30.47 14.77 -2.34
N GLY A 246 -29.30 14.49 -2.94
CA GLY A 246 -28.26 13.70 -2.30
C GLY A 246 -27.02 14.54 -2.07
N PHE A 247 -26.50 14.46 -0.85
CA PHE A 247 -25.35 15.25 -0.43
C PHE A 247 -24.24 14.34 0.06
N GLY A 248 -23.02 14.58 -0.42
CA GLY A 248 -21.84 13.95 0.15
C GLY A 248 -21.32 14.74 1.32
N LEU A 249 -21.52 14.21 2.54
CA LEU A 249 -21.24 15.00 3.74
C LEU A 249 -19.75 15.21 3.97
N GLU A 250 -18.92 14.24 3.58
CA GLU A 250 -17.48 14.45 3.66
C GLU A 250 -17.04 15.57 2.72
N ARG A 251 -17.64 15.63 1.53
CA ARG A 251 -17.30 16.66 0.57
C ARG A 251 -17.74 18.04 1.06
N LEU A 252 -18.89 18.11 1.72
CA LEU A 252 -19.34 19.39 2.29
C LEU A 252 -18.40 19.85 3.40
N LEU A 253 -18.04 18.94 4.31
CA LEU A 253 -17.18 19.30 5.43
C LEU A 253 -15.80 19.75 4.93
N THR A 254 -15.27 19.09 3.90
CA THR A 254 -13.96 19.45 3.39
C THR A 254 -13.95 20.86 2.81
N ILE A 255 -14.98 21.22 2.05
CA ILE A 255 -15.05 22.55 1.45
C ILE A 255 -15.23 23.62 2.52
N ARG A 256 -16.07 23.35 3.52
CA ARG A 256 -16.34 24.35 4.54
C ARG A 256 -15.11 24.61 5.40
N GLU A 257 -14.37 23.57 5.77
CA GLU A 257 -13.23 23.69 6.65
C GLU A 257 -11.92 23.90 5.92
N LYS A 258 -11.94 23.98 4.58
CA LYS A 258 -10.75 24.26 3.78
C LYS A 258 -9.68 23.19 3.95
N TYR A 259 -10.10 21.92 4.04
CA TYR A 259 -9.16 20.82 4.11
C TYR A 259 -8.56 20.56 2.73
N SER A 260 -7.27 20.22 2.72
CA SER A 260 -6.56 20.07 1.46
C SER A 260 -6.89 18.78 0.74
N THR A 261 -7.38 17.76 1.45
CA THR A 261 -7.87 16.53 0.84
C THR A 261 -9.20 16.16 1.47
N VAL A 262 -9.90 15.22 0.81
CA VAL A 262 -11.23 14.82 1.27
C VAL A 262 -11.19 13.70 2.29
N LYS A 263 -10.00 13.26 2.71
CA LYS A 263 -9.84 12.15 3.64
C LYS A 263 -9.54 12.60 5.06
N LYS A 264 -9.71 13.88 5.36
CA LYS A 264 -9.31 14.43 6.66
C LYS A 264 -10.47 14.68 7.61
N GLY A 265 -11.68 14.89 7.09
CA GLY A 265 -12.80 15.28 7.93
C GLY A 265 -13.73 14.15 8.30
N GLY A 266 -13.66 13.04 7.58
CA GLY A 266 -14.54 11.90 7.80
C GLY A 266 -13.91 10.84 8.67
N ALA A 267 -14.39 9.62 8.50
CA ALA A 267 -13.87 8.49 9.27
C ALA A 267 -12.46 8.15 8.85
N SER A 268 -11.59 7.91 9.82
CA SER A 268 -10.18 7.65 9.55
C SER A 268 -9.51 7.16 10.82
N ILE A 269 -8.35 6.53 10.65
CA ILE A 269 -7.43 6.24 11.74
C ILE A 269 -6.15 7.03 11.64
N SER A 270 -5.97 7.80 10.57
CA SER A 270 -4.82 8.67 10.41
C SER A 270 -5.17 10.14 10.64
N TYR A 271 -6.41 10.54 10.39
CA TYR A 271 -6.84 11.92 10.51
C TYR A 271 -7.97 12.02 11.52
N LEU A 272 -8.04 13.18 12.18
CA LEU A 272 -9.10 13.48 13.14
C LEU A 272 -9.42 14.97 13.01
N ASN A 273 -10.57 15.28 12.43
CA ASN A 273 -11.04 16.66 12.27
C ASN A 273 -9.99 17.51 11.56
N GLY A 274 -9.42 16.97 10.48
CA GLY A 274 -8.49 17.70 9.65
C GLY A 274 -7.04 17.64 10.06
N ALA A 275 -6.72 16.99 11.18
CA ALA A 275 -5.35 16.89 11.65
C ALA A 275 -4.86 15.45 11.58
N LYS A 276 -3.61 15.27 11.16
CA LYS A 276 -3.00 13.95 11.06
C LYS A 276 -2.38 13.59 12.41
N ILE A 277 -2.82 12.46 12.98
CA ILE A 277 -2.39 12.07 14.33
C ILE A 277 -1.22 11.10 14.31
N ASN A 278 -0.75 10.68 13.13
CA ASN A 278 0.38 9.78 13.05
C ASN A 278 1.45 10.28 12.09
N MET B 4 15.03 14.33 29.72
CA MET B 4 14.81 13.29 30.72
C MET B 4 14.24 12.02 30.10
N THR B 5 12.92 12.00 29.90
CA THR B 5 12.22 10.81 29.42
C THR B 5 11.68 10.92 28.01
N VAL B 6 11.34 12.13 27.56
CA VAL B 6 10.67 12.28 26.26
C VAL B 6 11.67 12.08 25.14
N LYS B 7 11.33 11.18 24.21
CA LYS B 7 12.10 10.96 23.00
C LYS B 7 11.22 11.24 21.80
N TYR B 8 11.83 11.25 20.61
CA TYR B 8 11.05 11.31 19.39
C TYR B 8 10.11 10.11 19.32
N THR B 9 8.86 10.36 18.93
CA THR B 9 7.92 9.27 18.76
C THR B 9 8.33 8.41 17.56
N ASP B 10 7.77 7.19 17.52
CA ASP B 10 8.07 6.29 16.40
C ASP B 10 7.69 6.93 15.06
N ALA B 11 6.55 7.61 15.02
CA ALA B 11 6.15 8.31 13.80
C ALA B 11 7.14 9.43 13.46
N GLN B 12 7.61 10.14 14.48
CA GLN B 12 8.57 11.22 14.24
C GLN B 12 9.90 10.68 13.74
N ILE B 13 10.33 9.52 14.25
CA ILE B 13 11.57 8.91 13.78
C ILE B 13 11.44 8.54 12.30
N GLN B 14 10.31 7.98 11.90
CA GLN B 14 10.10 7.62 10.51
C GLN B 14 10.10 8.86 9.62
N ARG B 15 9.47 9.94 10.08
CA ARG B 15 9.45 11.18 9.29
C ARG B 15 10.84 11.78 9.18
N LEU B 16 11.62 11.73 10.26
CA LEU B 16 12.97 12.29 10.24
C LEU B 16 13.87 11.50 9.30
N ARG B 17 13.73 10.17 9.29
CA ARG B 17 14.61 9.33 8.49
C ARG B 17 14.24 9.31 7.01
N GLU B 18 13.06 9.82 6.64
CA GLU B 18 12.66 9.83 5.24
C GLU B 18 13.61 10.67 4.39
N TYR B 19 13.96 11.87 4.89
CA TYR B 19 14.87 12.75 4.18
C TYR B 19 16.18 13.00 4.92
N GLY B 20 16.31 12.57 6.16
CA GLY B 20 17.48 12.87 6.98
C GLY B 20 18.27 11.61 7.30
N ASN B 21 19.57 11.79 7.52
CA ASN B 21 20.49 10.70 7.83
C ASN B 21 21.20 10.94 9.16
N GLY B 22 20.51 11.55 10.12
CA GLY B 22 21.06 11.79 11.43
C GLY B 22 20.84 10.60 12.36
N THR B 23 21.10 10.83 13.64
CA THR B 23 20.94 9.83 14.69
C THR B 23 19.85 10.31 15.64
N TYR B 24 18.60 10.21 15.19
CA TYR B 24 17.48 10.84 15.89
C TYR B 24 16.98 10.02 17.07
N GLU B 25 17.15 8.69 17.01
CA GLU B 25 16.65 7.84 18.09
C GLU B 25 17.42 8.02 19.39
N GLN B 26 18.58 8.68 19.36
CA GLN B 26 19.35 8.92 20.57
C GLN B 26 18.99 10.22 21.28
N LYS B 27 18.16 11.07 20.66
CA LYS B 27 17.84 12.35 21.25
C LYS B 27 16.89 12.17 22.43
N VAL B 28 17.19 12.86 23.53
CA VAL B 28 16.38 12.82 24.74
C VAL B 28 15.96 14.24 25.06
N PHE B 29 14.66 14.43 25.34
CA PHE B 29 14.12 15.74 25.64
C PHE B 29 13.42 15.71 26.99
N GLU B 30 13.04 16.91 27.44
CA GLU B 30 12.53 17.10 28.79
C GLU B 30 11.01 17.17 28.85
N ASP B 31 10.37 17.76 27.85
CA ASP B 31 8.91 17.77 27.75
C ASP B 31 8.52 17.68 26.28
N LEU B 32 7.21 17.60 26.03
CA LEU B 32 6.73 17.47 24.66
C LEU B 32 7.03 18.71 23.83
N ALA B 33 6.99 19.89 24.46
CA ALA B 33 7.22 21.13 23.72
C ALA B 33 8.63 21.18 23.16
N SER B 34 9.63 20.84 23.98
CA SER B 34 11.01 20.86 23.50
C SER B 34 11.28 19.75 22.50
N ARG B 35 10.56 18.63 22.62
CA ARG B 35 10.69 17.56 21.62
C ARG B 35 10.12 18.01 20.28
N ASP B 36 8.93 18.59 20.29
CA ASP B 36 8.33 19.06 19.05
C ASP B 36 9.12 20.20 18.42
N ALA B 37 9.73 21.06 19.24
CA ALA B 37 10.55 22.14 18.70
C ALA B 37 11.79 21.58 18.01
N ALA B 38 12.48 20.64 18.66
CA ALA B 38 13.64 20.02 18.04
C ALA B 38 13.26 19.19 16.83
N PHE B 39 12.07 18.56 16.86
CA PHE B 39 11.60 17.81 15.70
C PHE B 39 11.45 18.72 14.49
N SER B 40 10.83 19.89 14.68
CA SER B 40 10.63 20.81 13.57
C SER B 40 11.96 21.29 12.99
N LYS B 41 12.93 21.58 13.86
CA LYS B 41 14.24 22.04 13.38
C LYS B 41 14.97 20.93 12.62
N GLU B 42 15.01 19.72 13.20
CA GLU B 42 15.73 18.63 12.55
C GLU B 42 15.05 18.19 11.25
N MET B 43 13.73 18.33 11.16
CA MET B 43 13.04 18.05 9.90
C MET B 43 13.41 19.08 8.85
N SER B 44 13.50 20.36 9.23
CA SER B 44 13.82 21.40 8.28
C SER B 44 15.26 21.28 7.77
N VAL B 45 16.20 21.00 8.67
CA VAL B 45 17.59 20.84 8.26
C VAL B 45 17.76 19.61 7.37
N ALA B 46 17.04 18.53 7.71
CA ALA B 46 17.13 17.32 6.90
C ALA B 46 16.62 17.55 5.49
N SER B 47 15.47 18.22 5.37
CA SER B 47 14.90 18.48 4.05
C SER B 47 15.77 19.45 3.26
N THR B 48 16.29 20.48 3.92
CA THR B 48 17.11 21.48 3.24
C THR B 48 18.41 20.87 2.74
N ASP B 49 19.10 20.10 3.59
CA ASP B 49 20.36 19.48 3.17
C ASP B 49 20.12 18.38 2.14
N ASN B 50 18.92 17.79 2.12
CA ASN B 50 18.62 16.79 1.10
C ASN B 50 18.55 17.42 -0.28
N GLU B 51 17.96 18.61 -0.38
CA GLU B 51 17.90 19.31 -1.67
C GLU B 51 19.28 19.64 -2.19
N LYS B 52 20.18 20.06 -1.29
CA LYS B 52 21.54 20.43 -1.71
C LYS B 52 22.30 19.24 -2.28
N LYS B 53 22.12 18.06 -1.67
CA LYS B 53 22.80 16.87 -2.19
C LYS B 53 22.31 16.53 -3.58
N ILE B 54 21.00 16.61 -3.83
CA ILE B 54 20.46 16.33 -5.16
C ILE B 54 21.02 17.32 -6.17
N LYS B 55 20.98 18.62 -5.84
CA LYS B 55 21.56 19.62 -6.73
C LYS B 55 23.06 19.44 -6.85
N GLY B 56 23.70 18.92 -5.82
CA GLY B 56 25.14 18.67 -5.90
C GLY B 56 25.47 17.52 -6.83
N MET B 57 24.63 16.49 -6.86
CA MET B 57 24.87 15.38 -7.78
C MET B 57 24.66 15.78 -9.22
N ILE B 58 23.64 16.59 -9.49
CA ILE B 58 23.40 17.07 -10.85
C ILE B 58 24.55 17.95 -11.31
N ALA B 59 25.10 18.77 -10.41
CA ALA B 59 26.22 19.64 -10.77
C ALA B 59 27.48 18.83 -11.07
N ASN B 60 27.76 17.80 -10.26
CA ASN B 60 28.95 16.97 -10.42
C ASN B 60 28.54 15.51 -10.32
N PRO B 61 28.06 14.92 -11.42
CA PRO B 61 27.64 13.51 -11.38
C PRO B 61 28.83 12.58 -11.14
N SER B 62 28.52 11.41 -10.61
CA SER B 62 29.53 10.41 -10.31
C SER B 62 28.91 9.03 -10.51
N ARG B 63 29.73 8.00 -10.35
CA ARG B 63 29.21 6.64 -10.36
C ARG B 63 28.30 6.43 -9.16
N HIS B 64 27.36 5.49 -9.30
CA HIS B 64 26.47 5.18 -8.20
C HIS B 64 27.26 4.65 -7.02
N GLY B 65 26.79 4.97 -5.81
CA GLY B 65 27.51 4.57 -4.61
C GLY B 65 27.65 3.06 -4.49
N LEU B 66 26.62 2.32 -4.88
CA LEU B 66 26.70 0.86 -4.81
C LEU B 66 27.66 0.31 -5.86
N THR B 67 27.63 0.86 -7.08
CA THR B 67 28.54 0.40 -8.11
C THR B 67 29.99 0.75 -7.77
N GLN B 68 30.21 1.90 -7.13
CA GLN B 68 31.56 2.26 -6.71
C GLN B 68 32.08 1.31 -5.64
N LEU B 69 31.24 0.97 -4.66
CA LEU B 69 31.65 0.04 -3.62
C LEU B 69 31.97 -1.34 -4.21
N MET B 70 31.15 -1.80 -5.15
CA MET B 70 31.40 -3.09 -5.78
C MET B 70 32.74 -3.10 -6.51
N ASN B 71 33.09 -1.98 -7.15
CA ASN B 71 34.36 -1.92 -7.88
C ASN B 71 35.54 -1.87 -6.92
N ASP B 72 35.38 -1.21 -5.77
CA ASP B 72 36.47 -1.14 -4.81
C ASP B 72 36.80 -2.50 -4.23
N ILE B 73 35.77 -3.30 -3.90
CA ILE B 73 36.01 -4.63 -3.35
C ILE B 73 36.49 -5.57 -4.43
N ALA B 74 35.90 -5.50 -5.62
CA ALA B 74 36.26 -6.44 -6.69
C ALA B 74 37.70 -6.27 -7.11
N ASP B 75 38.17 -5.02 -7.21
CA ASP B 75 39.56 -4.79 -7.59
C ASP B 75 40.51 -5.34 -6.53
N ALA B 76 40.13 -5.25 -5.26
CA ALA B 76 40.96 -5.81 -4.20
C ALA B 76 40.97 -7.34 -4.25
N LEU B 77 39.83 -7.95 -4.57
CA LEU B 77 39.77 -9.41 -4.63
C LEU B 77 40.53 -9.94 -5.84
N VAL B 78 40.45 -9.24 -6.98
CA VAL B 78 41.23 -9.63 -8.15
C VAL B 78 42.71 -9.55 -7.84
N ALA B 79 43.13 -8.50 -7.12
CA ALA B 79 44.52 -8.37 -6.72
C ALA B 79 44.97 -9.48 -5.77
N GLU B 80 44.03 -10.14 -5.10
CA GLU B 80 44.35 -11.27 -4.23
C GLU B 80 44.25 -12.60 -4.96
N GLY B 81 44.06 -12.59 -6.27
CA GLY B 81 44.04 -13.81 -7.05
C GLY B 81 42.68 -14.44 -7.26
N PHE B 82 41.61 -13.64 -7.20
CA PHE B 82 40.25 -14.16 -7.35
C PHE B 82 39.73 -13.85 -8.75
N ILE B 83 39.16 -14.85 -9.40
CA ILE B 83 38.47 -14.65 -10.67
C ILE B 83 37.07 -14.12 -10.39
N GLU B 84 36.68 -13.06 -11.08
CA GLU B 84 35.32 -12.55 -10.99
C GLU B 84 34.45 -13.31 -11.98
N VAL B 85 33.41 -13.97 -11.46
CA VAL B 85 32.46 -14.67 -12.30
C VAL B 85 31.12 -13.95 -12.23
N ARG B 86 30.27 -14.22 -13.21
CA ARG B 86 28.92 -13.66 -13.26
C ARG B 86 27.98 -14.78 -13.64
N THR B 87 27.01 -15.06 -12.78
CA THR B 87 26.09 -16.18 -12.95
C THR B 87 24.66 -15.68 -13.09
N PRO B 88 23.77 -16.49 -13.69
CA PRO B 88 22.40 -16.04 -13.91
C PRO B 88 21.66 -15.82 -12.59
N ILE B 89 20.66 -14.94 -12.65
CA ILE B 89 19.78 -14.74 -11.50
C ILE B 89 18.84 -15.93 -11.35
N PHE B 90 18.44 -16.56 -12.45
CA PHE B 90 17.57 -17.73 -12.40
C PHE B 90 18.37 -18.96 -11.99
N ILE B 91 17.84 -19.71 -11.01
CA ILE B 91 18.37 -21.01 -10.66
C ILE B 91 17.21 -22.01 -10.64
N SER B 92 17.55 -23.29 -10.72
CA SER B 92 16.55 -24.34 -10.86
C SER B 92 16.09 -24.85 -9.50
N LYS B 93 14.92 -25.48 -9.49
CA LYS B 93 14.39 -26.07 -8.27
C LYS B 93 15.30 -27.17 -7.74
N ASP B 94 16.01 -27.86 -8.65
CA ASP B 94 16.92 -28.93 -8.24
C ASP B 94 18.18 -28.37 -7.59
N ALA B 95 18.65 -27.22 -8.07
CA ALA B 95 19.79 -26.57 -7.43
C ALA B 95 19.44 -26.15 -6.00
N LEU B 96 18.21 -25.67 -5.79
CA LEU B 96 17.77 -25.37 -4.43
C LEU B 96 17.68 -26.63 -3.58
N ALA B 97 17.24 -27.75 -4.18
CA ALA B 97 17.17 -28.99 -3.44
C ALA B 97 18.55 -29.48 -3.01
N ARG B 98 19.55 -29.28 -3.87
CA ARG B 98 20.91 -29.66 -3.51
C ARG B 98 21.45 -28.83 -2.35
N MET B 99 20.91 -27.63 -2.14
CA MET B 99 21.18 -26.84 -0.95
C MET B 99 20.27 -27.22 0.21
N THR B 100 19.54 -28.34 0.09
CA THR B 100 18.56 -28.79 1.08
C THR B 100 17.48 -27.73 1.34
N ILE B 101 17.17 -26.94 0.32
CA ILE B 101 16.09 -25.95 0.41
C ILE B 101 14.85 -26.63 -0.16
N THR B 102 14.14 -27.35 0.70
CA THR B 102 12.92 -28.07 0.34
C THR B 102 11.75 -27.46 1.11
N GLU B 103 10.55 -27.98 0.82
CA GLU B 103 9.32 -27.38 1.31
C GLU B 103 9.28 -27.27 2.83
N ASP B 104 10.00 -28.14 3.53
CA ASP B 104 9.99 -28.13 4.99
C ASP B 104 10.79 -26.99 5.59
N LYS B 105 11.76 -26.44 4.86
CA LYS B 105 12.66 -25.45 5.43
C LYS B 105 12.05 -24.06 5.38
N PRO B 106 12.46 -23.17 6.31
CA PRO B 106 11.88 -21.83 6.33
C PRO B 106 12.18 -21.01 5.08
N LEU B 107 13.40 -21.13 4.55
CA LEU B 107 13.78 -20.32 3.40
C LEU B 107 12.97 -20.65 2.16
N PHE B 108 12.42 -21.86 2.06
CA PHE B 108 11.68 -22.27 0.88
C PHE B 108 10.49 -21.36 0.61
N LYS B 109 9.92 -20.77 1.66
CA LYS B 109 8.76 -19.90 1.49
C LYS B 109 9.14 -18.52 1.01
N GLN B 110 10.36 -18.06 1.33
CA GLN B 110 10.84 -16.75 0.92
C GLN B 110 11.42 -16.77 -0.49
N VAL B 111 11.28 -17.86 -1.23
CA VAL B 111 11.86 -17.99 -2.56
C VAL B 111 10.87 -17.43 -3.58
N PHE B 112 11.39 -16.58 -4.49
CA PHE B 112 10.60 -16.04 -5.58
C PHE B 112 10.64 -17.02 -6.75
N TRP B 113 9.53 -17.72 -6.98
CA TRP B 113 9.42 -18.66 -8.09
C TRP B 113 8.97 -17.92 -9.35
N ILE B 114 9.70 -18.12 -10.44
CA ILE B 114 9.29 -17.55 -11.72
C ILE B 114 8.46 -18.52 -12.54
N ASP B 115 8.63 -19.83 -12.33
CA ASP B 115 7.76 -20.83 -12.94
C ASP B 115 7.85 -22.10 -12.10
N GLU B 116 7.45 -23.23 -12.70
CA GLU B 116 7.36 -24.48 -11.95
C GLU B 116 8.72 -25.04 -11.58
N LYS B 117 9.75 -24.75 -12.38
CA LYS B 117 11.06 -25.38 -12.20
C LYS B 117 12.18 -24.39 -11.89
N ARG B 118 11.95 -23.08 -11.99
CA ARG B 118 13.01 -22.10 -11.79
C ARG B 118 12.56 -21.04 -10.78
N ALA B 119 13.55 -20.35 -10.23
CA ALA B 119 13.28 -19.35 -9.20
C ALA B 119 14.39 -18.31 -9.20
N LEU B 120 14.07 -17.14 -8.63
CA LEU B 120 15.10 -16.14 -8.37
C LEU B 120 16.03 -16.65 -7.28
N ARG B 121 17.33 -16.51 -7.50
CA ARG B 121 18.29 -17.03 -6.54
C ARG B 121 18.15 -16.31 -5.21
N PRO B 122 18.00 -17.05 -4.10
CA PRO B 122 18.05 -16.40 -2.78
C PRO B 122 19.47 -16.20 -2.27
N MET B 123 20.46 -16.75 -2.97
CA MET B 123 21.86 -16.66 -2.56
C MET B 123 22.71 -17.04 -3.75
N LEU B 124 24.01 -16.75 -3.64
CA LEU B 124 24.95 -17.02 -4.71
C LEU B 124 25.60 -18.39 -4.63
N ALA B 125 25.40 -19.12 -3.54
CA ALA B 125 26.09 -20.39 -3.34
C ALA B 125 25.81 -21.44 -4.42
N PRO B 126 24.57 -21.66 -4.87
CA PRO B 126 24.36 -22.73 -5.88
C PRO B 126 25.15 -22.53 -7.16
N ASN B 127 25.11 -21.34 -7.74
CA ASN B 127 25.85 -21.09 -8.97
C ASN B 127 27.36 -21.12 -8.72
N LEU B 128 27.80 -20.63 -7.56
CA LEU B 128 29.22 -20.71 -7.22
C LEU B 128 29.65 -22.14 -6.99
N TYR B 129 28.77 -22.98 -6.44
CA TYR B 129 29.07 -24.41 -6.32
C TYR B 129 29.38 -25.02 -7.68
N SER B 130 28.60 -24.65 -8.70
CA SER B 130 28.79 -25.23 -10.03
C SER B 130 30.09 -24.74 -10.66
N VAL B 131 30.35 -23.44 -10.58
CA VAL B 131 31.56 -22.88 -11.20
C VAL B 131 32.80 -23.39 -10.49
N MET B 132 32.74 -23.49 -9.16
CA MET B 132 33.86 -24.03 -8.38
C MET B 132 34.28 -25.41 -8.89
N ARG B 133 33.32 -26.33 -8.98
CA ARG B 133 33.62 -27.70 -9.37
C ARG B 133 34.14 -27.76 -10.80
N ASP B 134 33.59 -26.94 -11.70
CA ASP B 134 34.00 -26.99 -13.10
C ASP B 134 35.43 -26.51 -13.28
N LEU B 135 35.83 -25.46 -12.55
CA LEU B 135 37.19 -24.94 -12.69
C LEU B 135 38.24 -25.86 -12.07
N ARG B 136 37.84 -26.73 -11.13
CA ARG B 136 38.78 -27.69 -10.58
C ARG B 136 39.30 -28.64 -11.66
N ASP B 137 38.50 -28.89 -12.69
CA ASP B 137 38.94 -29.74 -13.80
C ASP B 137 40.04 -29.11 -14.63
N HIS B 138 40.32 -27.82 -14.46
CA HIS B 138 41.28 -27.12 -15.31
C HIS B 138 42.51 -26.63 -14.55
N THR B 139 42.63 -26.95 -13.26
CA THR B 139 43.81 -26.55 -12.50
C THR B 139 43.93 -27.44 -11.28
N ASP B 140 45.18 -27.62 -10.82
CA ASP B 140 45.47 -28.38 -9.63
C ASP B 140 45.59 -27.51 -8.38
N GLY B 141 45.69 -26.20 -8.54
CA GLY B 141 45.86 -25.30 -7.42
C GLY B 141 44.54 -24.78 -6.88
N PRO B 142 44.61 -23.71 -6.09
CA PRO B 142 43.39 -23.16 -5.49
C PRO B 142 42.48 -22.58 -6.56
N VAL B 143 41.17 -22.79 -6.37
CA VAL B 143 40.14 -22.20 -7.22
C VAL B 143 39.51 -21.07 -6.42
N LYS B 144 39.93 -19.85 -6.70
CA LYS B 144 39.46 -18.66 -5.99
C LYS B 144 38.59 -17.84 -6.92
N ILE B 145 37.30 -17.77 -6.62
CA ILE B 145 36.34 -17.00 -7.41
C ILE B 145 35.48 -16.17 -6.48
N PHE B 146 34.79 -15.19 -7.07
CA PHE B 146 33.84 -14.38 -6.33
C PHE B 146 32.81 -13.83 -7.31
N GLU B 147 31.65 -13.46 -6.78
CA GLU B 147 30.60 -12.86 -7.59
C GLU B 147 29.86 -11.82 -6.76
N MET B 148 29.43 -10.75 -7.43
CA MET B 148 28.54 -9.74 -6.86
C MET B 148 27.32 -9.63 -7.75
N GLY B 149 26.14 -9.72 -7.15
CA GLY B 149 24.92 -9.66 -7.93
C GLY B 149 23.70 -9.69 -7.02
N SER B 150 22.55 -9.43 -7.64
CA SER B 150 21.30 -9.32 -6.90
C SER B 150 20.80 -10.70 -6.47
N CYS B 151 20.31 -10.78 -5.24
CA CYS B 151 19.60 -11.93 -4.72
C CYS B 151 18.25 -11.47 -4.19
N PHE B 152 17.30 -12.42 -4.09
CA PHE B 152 15.91 -12.07 -3.85
C PHE B 152 15.30 -12.98 -2.79
N ARG B 153 14.65 -12.37 -1.80
CA ARG B 153 13.91 -13.10 -0.78
C ARG B 153 12.69 -12.31 -0.37
N LYS B 154 11.57 -13.00 -0.17
CA LYS B 154 10.34 -12.34 0.24
C LYS B 154 10.48 -11.77 1.64
N GLU B 155 9.87 -10.58 1.86
CA GLU B 155 10.05 -9.89 3.12
C GLU B 155 9.40 -10.64 4.28
N SER B 156 8.21 -11.19 4.06
CA SER B 156 7.51 -11.92 5.11
C SER B 156 7.90 -13.39 5.12
N MET B 160 14.89 -9.03 7.47
CA MET B 160 15.39 -8.20 6.38
C MET B 160 14.32 -7.23 5.89
N HIS B 161 14.75 -6.06 5.44
CA HIS B 161 13.85 -5.06 4.88
C HIS B 161 14.06 -4.84 3.39
N LEU B 162 14.97 -5.59 2.77
CA LEU B 162 15.21 -5.53 1.33
C LEU B 162 14.81 -6.86 0.72
N GLU B 163 13.93 -6.82 -0.29
CA GLU B 163 13.60 -8.04 -1.02
C GLU B 163 14.64 -8.33 -2.09
N GLU B 164 15.18 -7.29 -2.73
CA GLU B 164 16.33 -7.40 -3.61
C GLU B 164 17.54 -6.79 -2.91
N PHE B 165 18.63 -7.54 -2.85
CA PHE B 165 19.84 -7.07 -2.20
C PHE B 165 21.04 -7.58 -2.97
N THR B 166 22.16 -6.87 -2.85
CA THR B 166 23.38 -7.20 -3.59
C THR B 166 24.31 -7.98 -2.66
N MET B 167 24.55 -9.23 -3.00
CA MET B 167 25.43 -10.10 -2.22
C MET B 167 26.79 -10.20 -2.89
N LEU B 168 27.83 -10.23 -2.07
CA LEU B 168 29.18 -10.57 -2.50
C LEU B 168 29.57 -11.86 -1.81
N ASN B 169 29.93 -12.87 -2.59
CA ASN B 169 30.37 -14.14 -2.05
C ASN B 169 31.71 -14.49 -2.70
N LEU B 170 32.73 -14.68 -1.88
CA LEU B 170 34.02 -15.19 -2.33
C LEU B 170 34.20 -16.61 -1.80
N VAL B 171 35.03 -17.39 -2.48
CA VAL B 171 35.32 -18.74 -2.03
C VAL B 171 36.69 -19.15 -2.56
N ASP B 172 37.50 -19.71 -1.66
CA ASP B 172 38.84 -20.20 -2.00
C ASP B 172 38.81 -21.72 -1.84
N MET B 173 38.67 -22.42 -2.96
CA MET B 173 38.62 -23.88 -2.97
C MET B 173 40.04 -24.43 -3.08
N GLY B 174 40.51 -25.09 -2.04
CA GLY B 174 41.83 -25.65 -2.04
C GLY B 174 42.36 -25.92 -0.64
N PRO B 175 43.67 -26.12 -0.52
CA PRO B 175 44.26 -26.40 0.80
C PRO B 175 44.15 -25.18 1.71
N ARG B 176 43.96 -25.47 3.00
CA ARG B 176 43.66 -24.43 3.98
C ARG B 176 44.38 -24.74 5.28
N GLY B 177 44.76 -23.68 5.99
CA GLY B 177 45.25 -23.81 7.35
C GLY B 177 44.11 -24.03 8.32
N ASP B 178 44.08 -23.29 9.42
CA ASP B 178 42.95 -23.35 10.35
C ASP B 178 41.86 -22.39 9.88
N ALA B 179 40.64 -22.60 10.37
CA ALA B 179 39.52 -21.84 9.84
C ALA B 179 39.60 -20.37 10.23
N THR B 180 40.16 -20.08 11.41
CA THR B 180 40.06 -18.74 11.98
C THR B 180 40.88 -17.73 11.19
N GLU B 181 42.11 -18.09 10.83
CA GLU B 181 43.06 -17.12 10.25
C GLU B 181 42.75 -16.82 8.79
N VAL B 182 42.43 -17.83 7.99
CA VAL B 182 42.21 -17.59 6.57
C VAL B 182 40.94 -16.78 6.35
N LEU B 183 39.90 -17.05 7.14
CA LEU B 183 38.67 -16.27 7.01
C LEU B 183 38.88 -14.84 7.48
N LYS B 184 39.68 -14.65 8.52
CA LYS B 184 39.97 -13.29 8.98
C LYS B 184 40.79 -12.52 7.96
N ASN B 185 41.62 -13.21 7.16
CA ASN B 185 42.40 -12.53 6.14
C ASN B 185 41.50 -12.03 5.01
N TYR B 186 40.64 -12.90 4.48
CA TYR B 186 39.76 -12.50 3.39
C TYR B 186 38.71 -11.50 3.86
N ILE B 187 38.25 -11.63 5.10
CA ILE B 187 37.32 -10.65 5.65
C ILE B 187 38.00 -9.29 5.77
N SER B 188 39.25 -9.28 6.23
CA SER B 188 39.99 -8.02 6.34
C SER B 188 40.25 -7.39 4.98
N VAL B 189 40.46 -8.20 3.95
CA VAL B 189 40.66 -7.65 2.61
C VAL B 189 39.41 -6.93 2.14
N VAL B 190 38.23 -7.52 2.37
CA VAL B 190 36.99 -6.92 1.91
C VAL B 190 36.63 -5.70 2.74
N MET B 191 36.66 -5.84 4.07
CA MET B 191 36.21 -4.76 4.94
C MET B 191 37.07 -3.51 4.77
N LYS B 192 38.38 -3.69 4.53
CA LYS B 192 39.23 -2.54 4.28
C LYS B 192 39.03 -1.99 2.88
N ALA B 193 38.75 -2.84 1.89
CA ALA B 193 38.42 -2.35 0.56
C ALA B 193 37.08 -1.62 0.57
N ALA B 194 36.15 -2.03 1.42
CA ALA B 194 34.86 -1.37 1.56
C ALA B 194 34.95 -0.10 2.39
N GLY B 195 36.14 0.31 2.79
CA GLY B 195 36.28 1.50 3.62
C GLY B 195 35.75 1.33 5.03
N LEU B 196 35.74 0.11 5.55
CA LEU B 196 35.21 -0.19 6.88
C LEU B 196 36.24 -0.99 7.66
N PRO B 197 37.32 -0.34 8.13
CA PRO B 197 38.38 -1.09 8.83
C PRO B 197 38.04 -1.48 10.25
N ASP B 198 37.06 -0.84 10.88
CA ASP B 198 36.67 -1.14 12.26
C ASP B 198 35.44 -2.04 12.24
N TYR B 199 35.58 -3.26 12.73
CA TYR B 199 34.48 -4.21 12.77
C TYR B 199 34.76 -5.23 13.87
N ASP B 200 33.72 -5.99 14.22
CA ASP B 200 33.82 -7.01 15.26
C ASP B 200 33.61 -8.40 14.65
N LEU B 201 34.21 -9.40 15.29
CA LEU B 201 34.05 -10.79 14.89
C LEU B 201 33.29 -11.54 15.98
N VAL B 202 32.24 -12.25 15.58
CA VAL B 202 31.30 -12.82 16.54
C VAL B 202 31.24 -14.33 16.33
N GLN B 203 31.25 -15.08 17.43
CA GLN B 203 31.10 -16.53 17.43
C GLN B 203 30.17 -16.88 18.59
N GLU B 204 28.93 -17.23 18.26
CA GLU B 204 27.86 -17.42 19.24
C GLU B 204 27.70 -18.89 19.62
N GLU B 205 28.81 -19.55 19.96
CA GLU B 205 28.79 -20.95 20.37
C GLU B 205 28.17 -21.87 19.33
N SER B 206 26.89 -21.65 19.00
CA SER B 206 26.27 -22.39 17.92
C SER B 206 26.95 -22.12 16.58
N ASP B 207 27.54 -20.93 16.42
CA ASP B 207 28.37 -20.64 15.26
C ASP B 207 29.74 -21.28 15.35
N VAL B 208 30.22 -21.58 16.57
CA VAL B 208 31.48 -22.29 16.72
C VAL B 208 31.38 -23.68 16.11
N TYR B 209 30.34 -24.42 16.49
CA TYR B 209 30.16 -25.79 16.00
C TYR B 209 30.06 -25.85 14.48
N LYS B 210 29.73 -24.74 13.82
CA LYS B 210 29.73 -24.67 12.37
C LYS B 210 31.00 -24.07 11.81
N GLU B 211 31.94 -23.68 12.67
CA GLU B 211 33.15 -22.95 12.26
C GLU B 211 32.78 -21.74 11.42
N THR B 212 31.76 -21.00 11.86
CA THR B 212 31.22 -19.86 11.15
C THR B 212 31.57 -18.58 11.90
N ILE B 213 32.08 -17.59 11.17
CA ILE B 213 32.41 -16.28 11.74
C ILE B 213 31.48 -15.25 11.12
N ASP B 214 30.79 -14.50 11.98
CA ASP B 214 29.96 -13.38 11.55
C ASP B 214 30.67 -12.08 11.87
N VAL B 215 30.52 -11.09 10.98
CA VAL B 215 31.14 -9.79 11.14
C VAL B 215 30.06 -8.78 11.52
N GLU B 216 30.28 -8.05 12.60
CA GLU B 216 29.34 -7.06 13.09
C GLU B 216 30.00 -5.70 13.16
N ILE B 217 29.19 -4.66 13.00
CA ILE B 217 29.60 -3.27 13.20
C ILE B 217 28.51 -2.59 14.01
N ASN B 218 28.80 -2.27 15.27
CA ASN B 218 27.81 -1.74 16.21
C ASN B 218 26.63 -2.69 16.36
N GLY B 219 26.92 -3.99 16.45
CA GLY B 219 25.89 -4.99 16.65
C GLY B 219 25.05 -5.31 15.44
N GLN B 220 25.43 -4.85 14.25
CA GLN B 220 24.67 -5.11 13.03
C GLN B 220 25.43 -6.13 12.20
N GLU B 221 24.80 -7.28 11.97
CA GLU B 221 25.41 -8.31 11.13
C GLU B 221 25.64 -7.75 9.73
N VAL B 222 26.78 -8.10 9.14
CA VAL B 222 27.18 -7.49 7.88
C VAL B 222 27.90 -8.51 7.00
N CYS B 223 28.30 -9.63 7.59
CA CYS B 223 29.01 -10.66 6.84
C CYS B 223 28.93 -11.98 7.60
N SER B 224 29.05 -13.07 6.84
CA SER B 224 29.06 -14.42 7.42
C SER B 224 30.06 -15.25 6.64
N ALA B 225 31.10 -15.71 7.32
CA ALA B 225 32.14 -16.52 6.72
C ALA B 225 32.02 -17.96 7.18
N ALA B 226 32.26 -18.90 6.27
CA ALA B 226 32.16 -20.32 6.54
C ALA B 226 33.39 -21.04 5.99
N VAL B 227 33.51 -22.32 6.33
CA VAL B 227 34.69 -23.12 6.00
C VAL B 227 34.26 -24.51 5.60
N GLY B 228 34.87 -25.03 4.54
CA GLY B 228 34.68 -26.40 4.13
C GLY B 228 35.81 -27.30 4.59
N PRO B 229 35.66 -28.62 4.45
CA PRO B 229 34.54 -29.37 3.86
C PRO B 229 33.21 -29.22 4.60
N HIS B 230 32.13 -29.14 3.85
CA HIS B 230 30.78 -28.96 4.35
C HIS B 230 29.93 -30.16 3.92
N TYR B 231 28.85 -30.40 4.64
CA TYR B 231 28.00 -31.54 4.30
C TYR B 231 27.21 -31.31 3.02
N LEU B 232 27.09 -30.06 2.57
CA LEU B 232 26.45 -29.76 1.30
C LEU B 232 27.37 -29.95 0.10
N ASP B 233 28.63 -30.32 0.33
CA ASP B 233 29.59 -30.42 -0.76
C ASP B 233 29.38 -31.66 -1.62
N ALA B 234 28.92 -32.77 -1.02
CA ALA B 234 28.81 -34.02 -1.74
C ALA B 234 27.83 -33.91 -2.90
N ALA B 235 26.68 -33.27 -2.68
CA ALA B 235 25.67 -33.11 -3.72
C ALA B 235 26.16 -32.22 -4.87
N HIS B 236 27.27 -31.51 -4.69
CA HIS B 236 27.86 -30.71 -5.75
C HIS B 236 29.19 -31.29 -6.24
N ASP B 237 29.48 -32.54 -5.89
CA ASP B 237 30.72 -33.22 -6.29
C ASP B 237 31.96 -32.43 -5.87
N VAL B 238 31.92 -31.90 -4.65
CA VAL B 238 33.05 -31.18 -4.06
C VAL B 238 33.60 -32.04 -2.94
N HIS B 239 34.90 -32.35 -3.01
CA HIS B 239 35.54 -33.23 -2.03
C HIS B 239 36.91 -32.68 -1.66
N GLU B 240 36.96 -31.42 -1.24
CA GLU B 240 38.20 -30.79 -0.82
C GLU B 240 37.85 -29.59 0.06
N PRO B 241 38.79 -29.12 0.87
CA PRO B 241 38.50 -27.98 1.74
C PRO B 241 38.26 -26.71 0.94
N TRP B 242 37.55 -25.77 1.58
CA TRP B 242 37.33 -24.45 1.00
C TRP B 242 37.01 -23.48 2.13
N SER B 243 37.23 -22.20 1.85
CA SER B 243 36.89 -21.12 2.77
C SER B 243 36.21 -20.01 1.98
N GLY B 244 35.12 -19.46 2.55
CA GLY B 244 34.37 -18.44 1.86
C GLY B 244 33.70 -17.49 2.83
N ALA B 245 33.19 -16.39 2.27
CA ALA B 245 32.51 -15.38 3.06
C ALA B 245 31.49 -14.66 2.19
N GLY B 246 30.33 -14.38 2.76
CA GLY B 246 29.28 -13.65 2.08
C GLY B 246 29.11 -12.25 2.69
N PHE B 247 28.91 -11.26 1.83
CA PHE B 247 28.78 -9.88 2.25
C PHE B 247 27.52 -9.26 1.65
N GLY B 248 26.78 -8.54 2.48
CA GLY B 248 25.66 -7.75 2.01
C GLY B 248 26.09 -6.34 1.68
N LEU B 249 26.14 -6.01 0.39
CA LEU B 249 26.78 -4.77 -0.03
C LEU B 249 25.95 -3.55 0.35
N GLU B 250 24.62 -3.65 0.34
CA GLU B 250 23.80 -2.52 0.79
C GLU B 250 23.96 -2.28 2.28
N ARG B 251 24.21 -3.34 3.06
CA ARG B 251 24.45 -3.16 4.49
C ARG B 251 25.77 -2.44 4.74
N LEU B 252 26.83 -2.81 4.01
CA LEU B 252 28.12 -2.16 4.17
C LEU B 252 28.03 -0.67 3.79
N LEU B 253 27.43 -0.38 2.64
CA LEU B 253 27.35 1.00 2.17
C LEU B 253 26.49 1.84 3.11
N THR B 254 25.42 1.27 3.65
CA THR B 254 24.60 1.98 4.61
C THR B 254 25.41 2.36 5.85
N ILE B 255 26.23 1.43 6.34
CA ILE B 255 27.01 1.66 7.55
C ILE B 255 28.24 2.52 7.27
N ARG B 256 28.68 2.61 6.03
CA ARG B 256 29.82 3.48 5.76
C ARG B 256 29.40 4.94 5.65
N GLU B 257 28.27 5.20 5.00
CA GLU B 257 27.78 6.56 4.76
C GLU B 257 26.81 7.05 5.83
N LYS B 258 26.48 6.21 6.83
CA LYS B 258 25.60 6.58 7.94
C LYS B 258 24.22 6.99 7.44
N TYR B 259 23.67 6.19 6.53
CA TYR B 259 22.30 6.36 6.09
C TYR B 259 21.35 5.87 7.18
N SER B 260 20.24 6.58 7.37
CA SER B 260 19.33 6.25 8.46
C SER B 260 18.57 4.95 8.21
N THR B 261 18.41 4.57 6.96
CA THR B 261 17.78 3.29 6.60
C THR B 261 18.65 2.58 5.58
N VAL B 262 18.37 1.28 5.40
CA VAL B 262 19.07 0.47 4.40
C VAL B 262 18.53 0.67 2.99
N LYS B 263 17.52 1.52 2.82
CA LYS B 263 16.82 1.70 1.56
C LYS B 263 17.38 2.85 0.72
N LYS B 264 18.52 3.42 1.11
CA LYS B 264 18.98 4.67 0.51
C LYS B 264 20.20 4.52 -0.38
N GLY B 265 21.03 3.50 -0.18
CA GLY B 265 22.28 3.40 -0.91
C GLY B 265 22.25 2.48 -2.11
N GLY B 266 21.25 1.63 -2.20
CA GLY B 266 21.15 0.63 -3.26
C GLY B 266 20.19 1.03 -4.35
N ALA B 267 19.60 0.03 -4.99
CA ALA B 267 18.64 0.28 -6.06
C ALA B 267 17.36 0.88 -5.50
N SER B 268 16.85 1.90 -6.19
CA SER B 268 15.67 2.63 -5.73
C SER B 268 15.21 3.58 -6.83
N ILE B 269 13.90 3.83 -6.84
CA ILE B 269 13.35 4.95 -7.59
C ILE B 269 12.97 6.11 -6.68
N SER B 270 13.16 5.98 -5.38
CA SER B 270 12.93 7.04 -4.41
C SER B 270 14.23 7.70 -3.94
N TYR B 271 15.26 6.90 -3.68
CA TYR B 271 16.53 7.38 -3.17
C TYR B 271 17.62 7.27 -4.23
N LEU B 272 18.60 8.16 -4.15
CA LEU B 272 19.76 8.14 -5.03
C LEU B 272 20.97 8.58 -4.22
N ASN B 273 21.84 7.62 -3.90
CA ASN B 273 23.07 7.88 -3.14
C ASN B 273 22.76 8.55 -1.80
N GLY B 274 21.69 8.10 -1.14
CA GLY B 274 21.34 8.57 0.17
C GLY B 274 20.37 9.72 0.23
N ALA B 275 20.02 10.32 -0.91
CA ALA B 275 19.13 11.46 -0.97
C ALA B 275 17.79 11.05 -1.58
N LYS B 276 16.71 11.59 -1.04
CA LYS B 276 15.37 11.29 -1.52
C LYS B 276 14.97 12.26 -2.61
N ILE B 277 14.73 11.74 -3.82
CA ILE B 277 14.30 12.56 -4.94
C ILE B 277 12.79 12.60 -5.07
N ASN B 278 12.06 11.85 -4.23
CA ASN B 278 10.62 11.71 -4.35
C ASN B 278 10.23 11.19 -5.72
N HIS C 3 -54.99 -21.85 39.93
CA HIS C 3 -55.98 -22.18 38.91
C HIS C 3 -55.44 -21.89 37.52
N MET C 4 -55.24 -20.60 37.23
CA MET C 4 -54.94 -20.16 35.88
C MET C 4 -53.54 -20.61 35.46
N THR C 5 -53.48 -21.47 34.45
CA THR C 5 -52.22 -21.94 33.89
C THR C 5 -52.14 -21.76 32.38
N VAL C 6 -53.04 -20.97 31.79
CA VAL C 6 -53.10 -20.77 30.35
C VAL C 6 -52.37 -19.48 30.00
N LYS C 7 -51.42 -19.57 29.07
CA LYS C 7 -50.68 -18.43 28.56
C LYS C 7 -50.86 -18.34 27.06
N TYR C 8 -50.46 -17.20 26.49
CA TYR C 8 -50.36 -17.08 25.05
C TYR C 8 -49.34 -18.08 24.53
N THR C 9 -49.62 -18.65 23.35
CA THR C 9 -48.63 -19.50 22.71
C THR C 9 -47.46 -18.66 22.22
N ASP C 10 -46.32 -19.33 22.01
CA ASP C 10 -45.15 -18.64 21.48
C ASP C 10 -45.44 -18.00 20.13
N ALA C 11 -46.30 -18.64 19.32
CA ALA C 11 -46.73 -18.02 18.07
C ALA C 11 -47.62 -16.81 18.33
N GLN C 12 -48.50 -16.90 19.32
CA GLN C 12 -49.35 -15.76 19.66
C GLN C 12 -48.52 -14.60 20.18
N ILE C 13 -47.47 -14.90 20.96
CA ILE C 13 -46.58 -13.86 21.45
C ILE C 13 -45.89 -13.16 20.28
N GLN C 14 -45.48 -13.94 19.27
CA GLN C 14 -44.84 -13.34 18.10
C GLN C 14 -45.81 -12.46 17.33
N ARG C 15 -47.08 -12.86 17.24
CA ARG C 15 -48.07 -12.05 16.56
C ARG C 15 -48.33 -10.75 17.32
N LEU C 16 -48.34 -10.81 18.65
CA LEU C 16 -48.57 -9.61 19.45
C LEU C 16 -47.36 -8.67 19.38
N ARG C 17 -46.15 -9.22 19.47
CA ARG C 17 -44.95 -8.40 19.42
C ARG C 17 -44.65 -7.84 18.05
N GLU C 18 -45.41 -8.25 17.01
CA GLU C 18 -45.15 -7.74 15.67
C GLU C 18 -45.49 -6.26 15.57
N TYR C 19 -46.66 -5.87 16.05
CA TYR C 19 -47.10 -4.48 16.01
C TYR C 19 -47.31 -3.89 17.40
N GLY C 20 -47.06 -4.64 18.46
CA GLY C 20 -47.30 -4.18 19.81
C GLY C 20 -46.05 -4.26 20.67
N ASN C 21 -46.01 -3.40 21.70
CA ASN C 21 -44.90 -3.33 22.62
C ASN C 21 -45.34 -3.58 24.06
N GLY C 22 -46.41 -4.35 24.24
CA GLY C 22 -46.88 -4.70 25.56
C GLY C 22 -46.09 -5.84 26.17
N THR C 23 -46.45 -6.17 27.42
CA THR C 23 -45.84 -7.28 28.14
C THR C 23 -46.79 -8.46 28.05
N TYR C 24 -46.68 -9.19 26.95
CA TYR C 24 -47.61 -10.27 26.64
C TYR C 24 -47.21 -11.59 27.29
N GLU C 25 -45.92 -11.86 27.44
CA GLU C 25 -45.46 -13.09 28.07
C GLU C 25 -45.80 -13.17 29.54
N GLN C 26 -46.26 -12.07 30.15
CA GLN C 26 -46.65 -12.07 31.55
C GLN C 26 -48.08 -12.53 31.77
N LYS C 27 -48.91 -12.51 30.73
CA LYS C 27 -50.35 -12.67 30.89
C LYS C 27 -50.73 -14.13 31.11
N VAL C 28 -51.56 -14.38 32.12
CA VAL C 28 -52.13 -15.68 32.40
C VAL C 28 -53.64 -15.55 32.42
N PHE C 29 -54.33 -16.60 31.97
CA PHE C 29 -55.78 -16.57 31.83
C PHE C 29 -56.38 -17.82 32.47
N GLU C 30 -57.64 -17.71 32.87
CA GLU C 30 -58.31 -18.79 33.59
C GLU C 30 -58.62 -19.96 32.66
N ASP C 31 -59.01 -19.67 31.43
CA ASP C 31 -59.31 -20.73 30.48
C ASP C 31 -58.93 -20.28 29.07
N LEU C 32 -59.04 -21.20 28.12
CA LEU C 32 -58.61 -20.92 26.75
C LEU C 32 -59.51 -19.92 26.06
N ALA C 33 -60.81 -19.90 26.40
CA ALA C 33 -61.72 -18.93 25.80
C ALA C 33 -61.37 -17.51 26.25
N SER C 34 -60.92 -17.35 27.49
CA SER C 34 -60.52 -16.03 27.96
C SER C 34 -59.19 -15.60 27.33
N ARG C 35 -58.35 -16.55 26.94
CA ARG C 35 -57.09 -16.21 26.31
C ARG C 35 -57.29 -15.67 24.90
N ASP C 36 -58.02 -16.41 24.06
CA ASP C 36 -58.20 -15.99 22.68
C ASP C 36 -59.07 -14.75 22.57
N ALA C 37 -59.95 -14.52 23.55
CA ALA C 37 -60.72 -13.28 23.55
C ALA C 37 -59.82 -12.10 23.91
N ALA C 38 -58.93 -12.28 24.88
CA ALA C 38 -57.96 -11.23 25.20
C ALA C 38 -56.92 -11.08 24.11
N PHE C 39 -56.65 -12.15 23.35
CA PHE C 39 -55.69 -12.08 22.26
C PHE C 39 -56.17 -11.11 21.18
N SER C 40 -57.43 -11.25 20.76
CA SER C 40 -57.99 -10.33 19.76
C SER C 40 -58.08 -8.92 20.32
N LYS C 41 -58.28 -8.77 21.63
CA LYS C 41 -58.31 -7.44 22.23
C LYS C 41 -56.95 -6.76 22.14
N GLU C 42 -55.89 -7.48 22.51
CA GLU C 42 -54.55 -6.89 22.49
C GLU C 42 -54.01 -6.74 21.07
N MET C 43 -54.37 -7.66 20.16
CA MET C 43 -53.99 -7.49 18.76
C MET C 43 -54.63 -6.24 18.17
N SER C 44 -55.91 -5.99 18.48
CA SER C 44 -56.57 -4.80 17.97
C SER C 44 -56.04 -3.53 18.63
N VAL C 45 -55.69 -3.61 19.92
CA VAL C 45 -55.12 -2.46 20.61
C VAL C 45 -53.72 -2.16 20.09
N ALA C 46 -52.94 -3.21 19.83
CA ALA C 46 -51.58 -3.01 19.32
C ALA C 46 -51.62 -2.38 17.93
N SER C 47 -52.51 -2.86 17.06
CA SER C 47 -52.62 -2.29 15.71
C SER C 47 -53.12 -0.85 15.75
N THR C 48 -54.04 -0.56 16.67
CA THR C 48 -54.55 0.81 16.80
C THR C 48 -53.48 1.76 17.28
N ASP C 49 -52.74 1.37 18.32
CA ASP C 49 -51.70 2.25 18.86
C ASP C 49 -50.52 2.37 17.90
N ASN C 50 -50.24 1.32 17.12
CA ASN C 50 -49.10 1.38 16.20
C ASN C 50 -49.34 2.39 15.09
N GLU C 51 -50.56 2.44 14.56
CA GLU C 51 -50.87 3.40 13.51
C GLU C 51 -50.96 4.82 14.04
N LYS C 52 -51.36 4.98 15.31
CA LYS C 52 -51.34 6.31 15.91
C LYS C 52 -49.92 6.86 15.99
N LYS C 53 -48.96 6.00 16.34
CA LYS C 53 -47.58 6.46 16.47
C LYS C 53 -47.01 6.90 15.12
N ILE C 54 -47.34 6.14 14.06
CA ILE C 54 -46.86 6.49 12.73
C ILE C 54 -47.41 7.85 12.32
N LYS C 55 -48.73 8.06 12.46
CA LYS C 55 -49.32 9.34 12.11
C LYS C 55 -48.85 10.45 13.05
N GLY C 56 -48.57 10.12 14.31
CA GLY C 56 -48.04 11.11 15.22
C GLY C 56 -46.65 11.57 14.85
N MET C 57 -45.85 10.69 14.25
CA MET C 57 -44.52 11.07 13.80
C MET C 57 -44.56 11.89 12.52
N ILE C 58 -45.54 11.64 11.65
CA ILE C 58 -45.71 12.47 10.46
C ILE C 58 -46.21 13.86 10.85
N ALA C 59 -47.00 13.96 11.92
CA ALA C 59 -47.50 15.25 12.35
C ALA C 59 -46.40 16.07 13.03
N ASN C 60 -45.58 15.42 13.84
CA ASN C 60 -44.49 16.07 14.57
C ASN C 60 -43.21 15.26 14.38
N PRO C 61 -42.49 15.49 13.28
CA PRO C 61 -41.25 14.74 13.05
C PRO C 61 -40.18 15.07 14.07
N SER C 62 -39.27 14.12 14.26
CA SER C 62 -38.19 14.27 15.21
C SER C 62 -36.97 13.53 14.67
N ARG C 63 -35.85 13.66 15.38
CA ARG C 63 -34.68 12.85 15.09
C ARG C 63 -34.98 11.38 15.37
N HIS C 64 -34.28 10.50 14.67
CA HIS C 64 -34.44 9.08 14.90
C HIS C 64 -34.08 8.74 16.35
N GLY C 65 -34.79 7.74 16.90
CA GLY C 65 -34.59 7.40 18.30
C GLY C 65 -33.17 6.99 18.61
N LEU C 66 -32.55 6.22 17.72
CA LEU C 66 -31.16 5.80 17.94
C LEU C 66 -30.21 6.99 17.80
N THR C 67 -30.40 7.80 16.76
CA THR C 67 -29.55 8.97 16.58
C THR C 67 -29.67 9.93 17.76
N GLN C 68 -30.88 10.14 18.25
CA GLN C 68 -31.07 11.00 19.42
C GLN C 68 -30.37 10.43 20.64
N LEU C 69 -30.37 9.10 20.78
CA LEU C 69 -29.67 8.48 21.90
C LEU C 69 -28.16 8.66 21.76
N MET C 70 -27.62 8.48 20.57
CA MET C 70 -26.20 8.71 20.36
C MET C 70 -25.81 10.15 20.70
N ASN C 71 -26.64 11.12 20.32
CA ASN C 71 -26.33 12.51 20.61
C ASN C 71 -26.37 12.79 22.10
N ASP C 72 -27.33 12.21 22.81
CA ASP C 72 -27.42 12.44 24.25
C ASP C 72 -26.19 11.90 24.98
N ILE C 73 -25.71 10.72 24.58
CA ILE C 73 -24.55 10.14 25.24
C ILE C 73 -23.28 10.87 24.83
N ALA C 74 -23.16 11.21 23.55
CA ALA C 74 -21.93 11.83 23.05
C ALA C 74 -21.73 13.22 23.64
N ASP C 75 -22.80 14.01 23.74
CA ASP C 75 -22.68 15.34 24.35
C ASP C 75 -22.24 15.24 25.80
N ALA C 76 -22.69 14.20 26.51
CA ALA C 76 -22.30 14.03 27.91
C ALA C 76 -20.85 13.61 28.04
N LEU C 77 -20.37 12.75 27.14
CA LEU C 77 -18.98 12.30 27.21
C LEU C 77 -18.03 13.42 26.79
N VAL C 78 -18.42 14.21 25.78
CA VAL C 78 -17.59 15.34 25.36
C VAL C 78 -17.43 16.33 26.51
N ALA C 79 -18.54 16.62 27.22
CA ALA C 79 -18.47 17.52 28.36
C ALA C 79 -17.63 16.97 29.50
N GLU C 80 -17.41 15.65 29.54
CA GLU C 80 -16.54 15.04 30.52
C GLU C 80 -15.08 14.99 30.06
N GLY C 81 -14.79 15.50 28.86
CA GLY C 81 -13.42 15.54 28.36
C GLY C 81 -13.07 14.47 27.36
N PHE C 82 -14.05 13.76 26.80
CA PHE C 82 -13.78 12.72 25.83
C PHE C 82 -13.78 13.29 24.41
N ILE C 83 -12.82 12.85 23.61
CA ILE C 83 -12.80 13.17 22.19
C ILE C 83 -13.66 12.16 21.45
N GLU C 84 -14.53 12.65 20.56
CA GLU C 84 -15.31 11.77 19.70
C GLU C 84 -14.54 11.50 18.42
N VAL C 85 -14.21 10.23 18.19
CA VAL C 85 -13.53 9.82 16.98
C VAL C 85 -14.48 9.00 16.12
N ARG C 86 -14.18 8.97 14.82
CA ARG C 86 -14.92 8.14 13.87
C ARG C 86 -13.90 7.41 13.01
N THR C 87 -13.98 6.09 12.96
CA THR C 87 -13.03 5.25 12.28
C THR C 87 -13.71 4.45 11.19
N PRO C 88 -12.96 3.99 10.17
CA PRO C 88 -13.59 3.26 9.07
C PRO C 88 -14.25 1.98 9.52
N ILE C 89 -15.30 1.59 8.78
CA ILE C 89 -15.93 0.30 9.02
C ILE C 89 -15.02 -0.83 8.57
N PHE C 90 -14.26 -0.62 7.51
CA PHE C 90 -13.31 -1.63 7.04
C PHE C 90 -12.10 -1.69 7.97
N ILE C 91 -11.69 -2.90 8.34
CA ILE C 91 -10.45 -3.13 9.05
C ILE C 91 -9.70 -4.27 8.35
N SER C 92 -8.38 -4.27 8.52
CA SER C 92 -7.53 -5.23 7.84
C SER C 92 -7.53 -6.57 8.57
N LYS C 93 -7.21 -7.62 7.81
CA LYS C 93 -7.06 -8.94 8.43
C LYS C 93 -5.90 -8.96 9.42
N ASP C 94 -4.83 -8.21 9.12
CA ASP C 94 -3.73 -8.10 10.07
C ASP C 94 -4.19 -7.47 11.38
N ALA C 95 -5.09 -6.50 11.30
CA ALA C 95 -5.62 -5.88 12.51
C ALA C 95 -6.42 -6.87 13.34
N LEU C 96 -7.18 -7.76 12.69
CA LEU C 96 -7.88 -8.80 13.41
C LEU C 96 -6.91 -9.82 14.00
N ALA C 97 -5.84 -10.13 13.27
CA ALA C 97 -4.84 -11.07 13.78
C ALA C 97 -4.12 -10.51 15.00
N ARG C 98 -3.88 -9.19 15.01
CA ARG C 98 -3.28 -8.56 16.19
C ARG C 98 -4.17 -8.72 17.41
N MET C 99 -5.48 -8.81 17.21
CA MET C 99 -6.43 -9.11 18.28
C MET C 99 -6.53 -10.61 18.57
N THR C 100 -5.66 -11.42 17.98
CA THR C 100 -5.73 -12.88 18.04
C THR C 100 -7.09 -13.40 17.55
N ILE C 101 -7.73 -12.66 16.66
CA ILE C 101 -8.94 -13.15 15.97
C ILE C 101 -8.43 -13.85 14.71
N THR C 102 -7.87 -15.04 14.91
CA THR C 102 -7.29 -15.82 13.84
C THR C 102 -8.20 -16.99 13.48
N GLU C 103 -7.79 -17.74 12.46
CA GLU C 103 -8.60 -18.82 11.90
C GLU C 103 -8.94 -19.91 12.90
N ASP C 104 -8.33 -19.90 14.09
CA ASP C 104 -8.54 -20.96 15.07
C ASP C 104 -9.71 -20.68 16.00
N LYS C 105 -9.98 -19.40 16.31
CA LYS C 105 -10.99 -19.03 17.29
C LYS C 105 -12.38 -18.97 16.66
N PRO C 106 -13.43 -19.28 17.42
CA PRO C 106 -14.79 -19.21 16.85
C PRO C 106 -15.25 -17.80 16.55
N LEU C 107 -14.64 -16.78 17.15
CA LEU C 107 -14.96 -15.41 16.80
C LEU C 107 -14.59 -15.12 15.34
N PHE C 108 -13.64 -15.87 14.78
CA PHE C 108 -13.27 -15.69 13.38
C PHE C 108 -14.43 -15.98 12.46
N LYS C 109 -15.24 -16.99 12.80
CA LYS C 109 -16.33 -17.41 11.93
C LYS C 109 -17.46 -16.39 11.85
N GLN C 110 -17.48 -15.37 12.71
CA GLN C 110 -18.48 -14.33 12.68
C GLN C 110 -18.15 -13.20 11.71
N VAL C 111 -16.92 -13.13 11.23
CA VAL C 111 -16.43 -11.97 10.52
C VAL C 111 -17.01 -11.93 9.12
N PHE C 112 -17.60 -10.80 8.75
CA PHE C 112 -18.00 -10.54 7.37
C PHE C 112 -16.78 -10.08 6.59
N TRP C 113 -16.30 -10.91 5.66
CA TRP C 113 -15.12 -10.59 4.88
C TRP C 113 -15.50 -9.81 3.63
N ILE C 114 -14.66 -8.84 3.28
CA ILE C 114 -14.86 -8.00 2.11
C ILE C 114 -14.02 -8.47 0.94
N ASP C 115 -12.73 -8.68 1.18
CA ASP C 115 -11.86 -9.34 0.21
C ASP C 115 -10.90 -10.25 0.96
N GLU C 116 -9.69 -10.41 0.44
CA GLU C 116 -8.73 -11.33 1.05
C GLU C 116 -8.05 -10.74 2.28
N LYS C 117 -7.94 -9.41 2.35
CA LYS C 117 -7.20 -8.75 3.41
C LYS C 117 -8.02 -7.77 4.23
N ARG C 118 -9.31 -7.62 3.95
CA ARG C 118 -10.14 -6.64 4.64
C ARG C 118 -11.46 -7.27 5.03
N ALA C 119 -12.10 -6.66 6.03
CA ALA C 119 -13.35 -7.17 6.56
C ALA C 119 -14.10 -6.05 7.27
N LEU C 120 -15.40 -6.28 7.47
CA LEU C 120 -16.18 -5.40 8.31
C LEU C 120 -15.78 -5.59 9.77
N ARG C 121 -15.67 -4.49 10.50
CA ARG C 121 -15.26 -4.56 11.89
C ARG C 121 -16.33 -5.30 12.70
N PRO C 122 -15.97 -6.36 13.43
CA PRO C 122 -16.91 -6.94 14.40
C PRO C 122 -16.88 -6.24 15.75
N MET C 123 -15.98 -5.28 15.91
CA MET C 123 -15.77 -4.60 17.18
C MET C 123 -15.02 -3.30 16.89
N LEU C 124 -15.18 -2.33 17.79
CA LEU C 124 -14.51 -1.05 17.63
C LEU C 124 -13.08 -1.05 18.18
N ALA C 125 -12.68 -2.11 18.88
CA ALA C 125 -11.39 -2.12 19.54
C ALA C 125 -10.20 -1.98 18.60
N PRO C 126 -10.13 -2.64 17.44
CA PRO C 126 -8.91 -2.51 16.61
C PRO C 126 -8.59 -1.08 16.21
N ASN C 127 -9.59 -0.32 15.74
CA ASN C 127 -9.33 1.06 15.35
C ASN C 127 -9.08 1.94 16.55
N LEU C 128 -9.72 1.66 17.68
CA LEU C 128 -9.49 2.46 18.88
C LEU C 128 -8.12 2.17 19.49
N TYR C 129 -7.63 0.95 19.36
CA TYR C 129 -6.25 0.64 19.74
C TYR C 129 -5.29 1.56 18.98
N SER C 130 -5.51 1.74 17.68
CA SER C 130 -4.62 2.55 16.86
C SER C 130 -4.75 4.03 17.19
N VAL C 131 -5.98 4.52 17.37
CA VAL C 131 -6.20 5.95 17.60
C VAL C 131 -5.67 6.36 18.96
N MET C 132 -5.99 5.57 20.01
CA MET C 132 -5.56 5.94 21.35
C MET C 132 -4.04 5.94 21.47
N ARG C 133 -3.37 5.02 20.77
CA ARG C 133 -1.92 4.95 20.85
C ARG C 133 -1.27 6.12 20.12
N ASP C 134 -1.84 6.51 18.99
CA ASP C 134 -1.31 7.67 18.25
C ASP C 134 -1.51 8.97 19.02
N LEU C 135 -2.60 9.08 19.79
CA LEU C 135 -2.84 10.30 20.55
C LEU C 135 -1.92 10.39 21.76
N ARG C 136 -1.43 9.25 22.26
CA ARG C 136 -0.45 9.27 23.35
C ARG C 136 0.82 9.99 22.93
N ASP C 137 1.14 9.97 21.63
CA ASP C 137 2.29 10.72 21.12
C ASP C 137 2.13 12.23 21.27
N HIS C 138 0.93 12.72 21.57
CA HIS C 138 0.67 14.16 21.57
C HIS C 138 0.26 14.70 22.93
N THR C 139 0.29 13.88 23.98
CA THR C 139 -0.10 14.37 25.30
C THR C 139 0.54 13.48 26.36
N ASP C 140 0.73 14.07 27.54
CA ASP C 140 1.26 13.37 28.70
C ASP C 140 0.18 12.93 29.68
N GLY C 141 -1.04 13.44 29.53
CA GLY C 141 -2.11 13.11 30.43
C GLY C 141 -2.99 11.98 29.91
N PRO C 142 -4.22 11.91 30.42
CA PRO C 142 -5.12 10.83 30.00
C PRO C 142 -5.58 11.00 28.56
N VAL C 143 -5.56 9.90 27.82
CA VAL C 143 -6.11 9.85 26.47
C VAL C 143 -7.51 9.29 26.58
N LYS C 144 -8.51 10.11 26.27
CA LYS C 144 -9.92 9.75 26.43
C LYS C 144 -10.61 9.92 25.10
N ILE C 145 -11.06 8.81 24.51
CA ILE C 145 -11.76 8.83 23.23
C ILE C 145 -12.98 7.93 23.34
N PHE C 146 -13.94 8.16 22.45
CA PHE C 146 -15.07 7.27 22.29
C PHE C 146 -15.54 7.30 20.85
N GLU C 147 -16.26 6.26 20.47
CA GLU C 147 -16.80 6.16 19.12
C GLU C 147 -18.12 5.39 19.17
N MET C 148 -19.08 5.84 18.38
CA MET C 148 -20.32 5.10 18.16
C MET C 148 -20.46 4.84 16.68
N GLY C 149 -20.65 3.57 16.33
CA GLY C 149 -20.75 3.21 14.93
C GLY C 149 -21.23 1.78 14.78
N SER C 150 -21.56 1.43 13.54
CA SER C 150 -22.08 0.11 13.23
C SER C 150 -20.97 -0.93 13.24
N CYS C 151 -21.23 -2.05 13.90
CA CYS C 151 -20.37 -3.22 13.86
C CYS C 151 -21.18 -4.40 13.31
N PHE C 152 -20.48 -5.39 12.77
CA PHE C 152 -21.11 -6.45 12.00
C PHE C 152 -20.61 -7.82 12.45
N ARG C 153 -21.54 -8.74 12.70
CA ARG C 153 -21.24 -10.13 13.04
C ARG C 153 -22.32 -11.03 12.46
N LYS C 154 -21.88 -12.16 11.90
CA LYS C 154 -22.83 -13.15 11.37
C LYS C 154 -23.67 -13.75 12.49
N GLU C 155 -24.97 -13.87 12.25
CA GLU C 155 -25.90 -14.30 13.30
C GLU C 155 -25.84 -15.79 13.59
N SER C 156 -25.41 -16.62 12.63
CA SER C 156 -25.47 -18.07 12.82
C SER C 156 -24.54 -18.53 13.93
N HIS C 157 -23.37 -17.91 14.05
CA HIS C 157 -22.39 -18.29 15.05
C HIS C 157 -22.44 -17.40 16.30
N SER C 158 -23.37 -16.46 16.38
CA SER C 158 -23.28 -15.41 17.38
C SER C 158 -24.29 -15.52 18.50
N GLY C 159 -25.46 -16.10 18.25
CA GLY C 159 -26.55 -15.94 19.19
C GLY C 159 -27.12 -14.54 19.23
N MET C 160 -26.54 -13.59 18.50
CA MET C 160 -27.12 -12.27 18.35
C MET C 160 -28.39 -12.37 17.50
N HIS C 161 -29.24 -11.36 17.64
CA HIS C 161 -30.37 -11.19 16.76
C HIS C 161 -30.24 -9.94 15.90
N LEU C 162 -29.16 -9.18 16.07
CA LEU C 162 -28.80 -8.09 15.18
C LEU C 162 -27.45 -8.41 14.56
N GLU C 163 -27.39 -8.40 13.23
CA GLU C 163 -26.13 -8.56 12.53
C GLU C 163 -25.39 -7.24 12.38
N GLU C 164 -26.13 -6.15 12.17
CA GLU C 164 -25.59 -4.80 12.25
C GLU C 164 -26.10 -4.17 13.53
N PHE C 165 -25.19 -3.75 14.39
CA PHE C 165 -25.53 -3.17 15.69
C PHE C 165 -24.62 -1.98 15.95
N THR C 166 -25.12 -1.01 16.70
CA THR C 166 -24.41 0.23 16.99
C THR C 166 -23.71 0.10 18.34
N MET C 167 -22.38 0.09 18.30
CA MET C 167 -21.57 -0.05 19.51
C MET C 167 -21.07 1.31 19.97
N LEU C 168 -21.08 1.53 21.28
CA LEU C 168 -20.41 2.65 21.90
C LEU C 168 -19.25 2.12 22.73
N ASN C 169 -18.03 2.56 22.39
CA ASN C 169 -16.84 2.19 23.14
C ASN C 169 -16.13 3.46 23.55
N LEU C 170 -15.98 3.66 24.85
CA LEU C 170 -15.15 4.72 25.40
C LEU C 170 -13.96 4.10 26.12
N VAL C 171 -12.88 4.86 26.23
CA VAL C 171 -11.68 4.36 26.88
C VAL C 171 -10.87 5.55 27.39
N ASP C 172 -10.25 5.34 28.54
CA ASP C 172 -9.36 6.34 29.17
C ASP C 172 -8.02 5.65 29.38
N MET C 173 -7.05 5.97 28.52
CA MET C 173 -5.71 5.40 28.64
C MET C 173 -4.86 6.28 29.55
N GLY C 174 -4.26 5.65 30.56
CA GLY C 174 -3.48 6.36 31.55
C GLY C 174 -4.30 7.37 32.33
N PRO C 175 -5.26 6.89 33.13
CA PRO C 175 -6.04 7.81 33.97
C PRO C 175 -5.18 8.42 35.07
N ARG C 176 -5.78 9.29 35.89
CA ARG C 176 -5.02 10.19 36.76
C ARG C 176 -4.63 9.60 38.12
N GLY C 177 -5.55 8.99 38.88
CA GLY C 177 -6.91 8.64 38.50
C GLY C 177 -7.05 7.13 38.55
N ASP C 178 -7.61 6.63 39.65
CA ASP C 178 -7.77 5.18 39.80
C ASP C 178 -8.62 4.64 38.66
N ALA C 179 -8.09 3.62 37.97
CA ALA C 179 -8.71 3.15 36.74
C ALA C 179 -10.12 2.63 36.99
N THR C 180 -10.32 1.88 38.07
CA THR C 180 -11.64 1.31 38.34
C THR C 180 -12.63 2.39 38.76
N GLU C 181 -12.16 3.40 39.50
CA GLU C 181 -13.06 4.45 39.96
C GLU C 181 -13.52 5.33 38.82
N VAL C 182 -12.59 5.74 37.95
CA VAL C 182 -12.97 6.60 36.82
C VAL C 182 -13.85 5.85 35.84
N LEU C 183 -13.73 4.52 35.79
CA LEU C 183 -14.55 3.74 34.87
C LEU C 183 -16.01 3.74 35.31
N LYS C 184 -16.26 3.65 36.62
CA LYS C 184 -17.63 3.71 37.10
C LYS C 184 -18.23 5.10 36.92
N ASN C 185 -17.40 6.14 36.94
CA ASN C 185 -17.89 7.48 36.64
C ASN C 185 -18.37 7.56 35.19
N TYR C 186 -17.59 7.02 34.25
CA TYR C 186 -17.97 7.07 32.85
C TYR C 186 -19.21 6.21 32.58
N ILE C 187 -19.32 5.07 33.27
CA ILE C 187 -20.53 4.25 33.15
C ILE C 187 -21.74 5.04 33.63
N SER C 188 -21.60 5.74 34.76
CA SER C 188 -22.71 6.54 35.29
C SER C 188 -23.07 7.67 34.34
N VAL C 189 -22.07 8.29 33.71
CA VAL C 189 -22.34 9.38 32.78
C VAL C 189 -23.13 8.88 31.57
N VAL C 190 -22.75 7.72 31.03
CA VAL C 190 -23.43 7.18 29.86
C VAL C 190 -24.85 6.76 30.21
N MET C 191 -25.02 6.05 31.32
CA MET C 191 -26.35 5.54 31.67
C MET C 191 -27.30 6.66 32.06
N LYS C 192 -26.80 7.70 32.73
CA LYS C 192 -27.63 8.85 33.04
C LYS C 192 -28.04 9.59 31.77
N ALA C 193 -27.09 9.81 30.87
CA ALA C 193 -27.40 10.50 29.61
C ALA C 193 -28.35 9.68 28.75
N ALA C 194 -28.27 8.35 28.84
CA ALA C 194 -29.15 7.48 28.08
C ALA C 194 -30.53 7.33 28.69
N GLY C 195 -30.79 7.99 29.82
CA GLY C 195 -32.08 7.86 30.47
C GLY C 195 -32.27 6.56 31.22
N LEU C 196 -31.19 5.91 31.64
CA LEU C 196 -31.24 4.66 32.39
C LEU C 196 -30.40 4.81 33.66
N PRO C 197 -30.87 5.60 34.62
CA PRO C 197 -30.04 5.87 35.81
C PRO C 197 -29.98 4.74 36.81
N ASP C 198 -30.94 3.81 36.79
CA ASP C 198 -31.00 2.72 37.75
C ASP C 198 -30.51 1.44 37.08
N TYR C 199 -29.34 0.96 37.50
CA TYR C 199 -28.74 -0.23 36.91
C TYR C 199 -28.00 -1.00 37.99
N ASP C 200 -27.62 -2.22 37.67
CA ASP C 200 -26.89 -3.11 38.59
C ASP C 200 -25.45 -3.23 38.10
N LEU C 201 -24.51 -2.87 38.96
CA LEU C 201 -23.10 -2.88 38.64
C LEU C 201 -22.39 -3.90 39.53
N VAL C 202 -21.78 -4.90 38.91
CA VAL C 202 -21.04 -5.94 39.63
C VAL C 202 -19.62 -5.98 39.09
N GLN C 203 -18.65 -6.04 39.99
CA GLN C 203 -17.24 -6.10 39.63
C GLN C 203 -16.75 -7.54 39.77
N GLU C 204 -16.10 -8.04 38.72
CA GLU C 204 -15.56 -9.40 38.71
C GLU C 204 -14.05 -9.35 38.54
N GLU C 205 -13.39 -10.40 39.00
CA GLU C 205 -11.96 -10.56 38.81
C GLU C 205 -11.69 -11.20 37.44
N SER C 206 -10.43 -11.13 37.00
CA SER C 206 -10.09 -11.56 35.66
C SER C 206 -8.63 -12.00 35.62
N ASP C 207 -8.32 -12.84 34.64
CA ASP C 207 -6.94 -13.23 34.35
C ASP C 207 -6.47 -12.73 32.99
N VAL C 208 -7.32 -12.04 32.24
CA VAL C 208 -6.93 -11.37 31.01
C VAL C 208 -6.89 -9.86 31.17
N TYR C 209 -7.82 -9.31 31.94
CA TYR C 209 -7.80 -7.92 32.37
C TYR C 209 -7.41 -7.85 33.84
N LYS C 210 -7.13 -6.63 34.30
CA LYS C 210 -6.94 -6.45 35.74
C LYS C 210 -8.25 -6.63 36.50
N GLU C 211 -9.36 -6.24 35.88
CA GLU C 211 -10.69 -6.36 36.49
C GLU C 211 -11.73 -6.07 35.43
N THR C 212 -12.85 -6.79 35.51
CA THR C 212 -13.98 -6.60 34.62
C THR C 212 -15.15 -6.00 35.40
N ILE C 213 -16.05 -5.36 34.66
CA ILE C 213 -17.26 -4.77 35.22
C ILE C 213 -18.40 -4.99 34.25
N ASP C 214 -19.50 -5.53 34.74
CA ASP C 214 -20.69 -5.79 33.93
C ASP C 214 -21.88 -5.05 34.51
N VAL C 215 -22.65 -4.41 33.65
CA VAL C 215 -23.81 -3.63 34.04
C VAL C 215 -25.05 -4.32 33.49
N GLU C 216 -26.04 -4.51 34.36
CA GLU C 216 -27.28 -5.19 33.99
C GLU C 216 -28.48 -4.35 34.41
N ILE C 217 -29.54 -4.46 33.63
CA ILE C 217 -30.84 -3.87 33.95
C ILE C 217 -31.86 -5.00 33.96
N ASN C 218 -32.34 -5.35 35.14
CA ASN C 218 -33.32 -6.43 35.32
C ASN C 218 -32.82 -7.74 34.71
N GLY C 219 -31.54 -8.05 34.94
CA GLY C 219 -30.98 -9.32 34.55
C GLY C 219 -30.42 -9.41 33.16
N GLN C 220 -30.50 -8.35 32.36
CA GLN C 220 -30.00 -8.36 30.99
C GLN C 220 -28.73 -7.52 30.91
N GLU C 221 -27.68 -8.09 30.32
CA GLU C 221 -26.42 -7.38 30.16
C GLU C 221 -26.62 -6.11 29.36
N VAL C 222 -26.10 -5.00 29.88
CA VAL C 222 -26.27 -3.70 29.27
C VAL C 222 -24.90 -3.11 28.92
N CYS C 223 -23.89 -3.46 29.72
CA CYS C 223 -22.55 -2.94 29.49
C CYS C 223 -21.53 -3.96 29.98
N SER C 224 -20.44 -4.08 29.24
CA SER C 224 -19.29 -4.90 29.62
C SER C 224 -18.07 -4.00 29.62
N ALA C 225 -17.50 -3.75 30.79
CA ALA C 225 -16.35 -2.88 30.95
C ALA C 225 -15.16 -3.68 31.46
N ALA C 226 -13.97 -3.09 31.34
CA ALA C 226 -12.75 -3.75 31.75
C ALA C 226 -11.71 -2.71 32.10
N VAL C 227 -10.75 -3.11 32.94
CA VAL C 227 -9.64 -2.26 33.36
C VAL C 227 -8.35 -2.93 32.90
N GLY C 228 -7.64 -2.28 31.97
CA GLY C 228 -6.38 -2.80 31.52
C GLY C 228 -5.31 -2.71 32.59
N PRO C 229 -4.10 -3.19 32.26
CA PRO C 229 -3.66 -3.69 30.96
C PRO C 229 -4.21 -5.08 30.58
N HIS C 230 -4.20 -5.35 29.28
CA HIS C 230 -4.63 -6.62 28.72
C HIS C 230 -3.46 -7.24 27.94
N TYR C 231 -3.48 -8.56 27.80
CA TYR C 231 -2.34 -9.24 27.18
C TYR C 231 -2.24 -8.95 25.68
N LEU C 232 -3.20 -8.24 25.10
CA LEU C 232 -3.11 -7.79 23.71
C LEU C 232 -2.54 -6.38 23.59
N ASP C 233 -2.29 -5.70 24.70
CA ASP C 233 -1.89 -4.30 24.65
C ASP C 233 -0.50 -4.14 24.04
N ALA C 234 0.45 -4.97 24.43
CA ALA C 234 1.80 -4.88 23.89
C ALA C 234 1.81 -5.11 22.38
N ALA C 235 0.89 -5.93 21.87
CA ALA C 235 0.77 -6.13 20.44
C ALA C 235 0.31 -4.87 19.72
N HIS C 236 -0.34 -3.95 20.42
CA HIS C 236 -0.72 -2.65 19.88
C HIS C 236 0.12 -1.53 20.44
N ASP C 237 1.25 -1.87 21.07
CA ASP C 237 2.21 -0.89 21.60
C ASP C 237 1.60 -0.02 22.70
N VAL C 238 0.79 -0.63 23.55
CA VAL C 238 0.20 0.03 24.71
C VAL C 238 0.80 -0.59 25.96
N HIS C 239 1.43 0.23 26.81
CA HIS C 239 2.08 -0.24 28.03
C HIS C 239 1.73 0.70 29.19
N GLU C 240 0.44 0.88 29.44
CA GLU C 240 -0.01 1.73 30.54
C GLU C 240 -1.42 1.32 30.91
N PRO C 241 -1.85 1.55 32.15
CA PRO C 241 -3.21 1.16 32.53
C PRO C 241 -4.25 1.95 31.77
N TRP C 242 -5.42 1.33 31.60
CA TRP C 242 -6.54 1.97 30.93
C TRP C 242 -7.84 1.37 31.44
N SER C 243 -8.94 2.09 31.21
CA SER C 243 -10.26 1.60 31.54
C SER C 243 -11.20 1.95 30.40
N GLY C 244 -12.07 1.01 30.05
CA GLY C 244 -12.97 1.20 28.92
C GLY C 244 -14.25 0.44 29.12
N ALA C 245 -15.29 0.89 28.41
CA ALA C 245 -16.62 0.32 28.52
C ALA C 245 -17.25 0.22 27.14
N GLY C 246 -18.03 -0.84 26.93
CA GLY C 246 -18.73 -1.03 25.68
C GLY C 246 -20.23 -1.17 25.87
N PHE C 247 -21.01 -0.46 25.06
CA PHE C 247 -22.46 -0.43 25.19
C PHE C 247 -23.11 -0.77 23.85
N GLY C 248 -24.14 -1.61 23.91
CA GLY C 248 -24.98 -1.86 22.76
C GLY C 248 -26.13 -0.87 22.72
N LEU C 249 -26.07 0.07 21.78
CA LEU C 249 -26.98 1.22 21.85
C LEU C 249 -28.41 0.83 21.49
N GLU C 250 -28.59 -0.07 20.52
CA GLU C 250 -29.93 -0.57 20.23
C GLU C 250 -30.54 -1.23 21.46
N ARG C 251 -29.76 -2.03 22.18
CA ARG C 251 -30.27 -2.69 23.38
C ARG C 251 -30.63 -1.67 24.45
N LEU C 252 -29.82 -0.60 24.58
CA LEU C 252 -30.16 0.47 25.52
C LEU C 252 -31.47 1.13 25.14
N LEU C 253 -31.66 1.42 23.86
CA LEU C 253 -32.89 2.07 23.41
C LEU C 253 -34.10 1.15 23.57
N THR C 254 -33.89 -0.16 23.37
CA THR C 254 -35.00 -1.11 23.50
C THR C 254 -35.48 -1.22 24.94
N ILE C 255 -34.55 -1.22 25.89
CA ILE C 255 -34.92 -1.38 27.29
C ILE C 255 -35.61 -0.12 27.82
N ARG C 256 -35.08 1.06 27.48
CA ARG C 256 -35.65 2.30 27.98
C ARG C 256 -37.08 2.50 27.44
N GLU C 257 -37.26 2.32 26.14
CA GLU C 257 -38.57 2.50 25.53
C GLU C 257 -39.48 1.30 25.70
N LYS C 258 -38.99 0.20 26.29
CA LYS C 258 -39.78 -1.00 26.55
C LYS C 258 -40.36 -1.58 25.25
N TYR C 259 -39.51 -1.68 24.24
CA TYR C 259 -39.89 -2.33 23.00
C TYR C 259 -39.86 -3.84 23.16
N SER C 260 -40.81 -4.53 22.52
CA SER C 260 -40.94 -5.97 22.70
C SER C 260 -39.82 -6.75 22.01
N THR C 261 -39.21 -6.20 20.98
CA THR C 261 -38.06 -6.82 20.32
C THR C 261 -36.95 -5.79 20.17
N VAL C 262 -35.75 -6.29 19.86
CA VAL C 262 -34.59 -5.44 19.67
C VAL C 262 -34.49 -4.90 18.25
N LYS C 263 -35.44 -5.23 17.37
CA LYS C 263 -35.41 -4.82 15.97
C LYS C 263 -36.25 -3.57 15.70
N LYS C 264 -36.78 -2.93 16.74
CA LYS C 264 -37.73 -1.84 16.54
C LYS C 264 -37.12 -0.45 16.71
N GLY C 265 -35.94 -0.34 17.34
CA GLY C 265 -35.39 0.96 17.65
C GLY C 265 -34.24 1.40 16.78
N GLY C 266 -33.57 0.47 16.14
CA GLY C 266 -32.39 0.75 15.34
C GLY C 266 -32.67 0.87 13.86
N ALA C 267 -31.66 0.57 13.05
CA ALA C 267 -31.80 0.64 11.61
C ALA C 267 -32.72 -0.46 11.10
N SER C 268 -33.68 -0.09 10.25
CA SER C 268 -34.66 -1.04 9.74
C SER C 268 -35.42 -0.41 8.59
N ILE C 269 -35.95 -1.26 7.72
CA ILE C 269 -36.92 -0.85 6.72
C ILE C 269 -38.34 -1.27 7.09
N SER C 270 -38.50 -1.98 8.20
CA SER C 270 -39.82 -2.38 8.70
C SER C 270 -40.27 -1.57 9.90
N TYR C 271 -39.36 -1.19 10.79
CA TYR C 271 -39.68 -0.46 11.99
C TYR C 271 -39.10 0.94 11.95
N LEU C 272 -39.80 1.88 12.59
CA LEU C 272 -39.36 3.27 12.69
C LEU C 272 -39.74 3.77 14.08
N ASN C 273 -38.72 3.95 14.93
CA ASN C 273 -38.92 4.45 16.28
C ASN C 273 -39.94 3.62 17.06
N GLY C 274 -39.84 2.30 16.93
CA GLY C 274 -40.68 1.38 17.66
C GLY C 274 -41.98 1.01 16.99
N ALA C 275 -42.35 1.66 15.90
CA ALA C 275 -43.59 1.39 15.20
C ALA C 275 -43.33 0.68 13.89
N LYS C 276 -44.14 -0.33 13.59
CA LYS C 276 -44.02 -1.08 12.34
C LYS C 276 -44.75 -0.35 11.23
N ILE C 277 -44.02 0.01 10.17
CA ILE C 277 -44.55 0.87 9.11
C ILE C 277 -45.07 0.07 7.92
N ASN C 278 -44.90 -1.25 7.92
CA ASN C 278 -45.41 -2.07 6.82
C ASN C 278 -46.17 -3.29 7.35
N HIS D 3 35.45 -31.95 -56.35
CA HIS D 3 35.33 -30.56 -55.97
C HIS D 3 34.67 -30.42 -54.62
N MET D 4 33.68 -29.53 -54.50
CA MET D 4 33.23 -29.17 -53.17
C MET D 4 31.92 -28.40 -53.15
N THR D 5 31.98 -27.12 -52.75
CA THR D 5 30.86 -26.19 -52.60
C THR D 5 29.88 -26.59 -51.50
N VAL D 6 30.21 -27.56 -50.67
CA VAL D 6 29.35 -27.87 -49.54
C VAL D 6 29.51 -26.81 -48.46
N LYS D 7 28.63 -26.85 -47.47
CA LYS D 7 28.76 -26.01 -46.29
C LYS D 7 28.82 -26.89 -45.06
N TYR D 8 29.11 -26.27 -43.92
CA TYR D 8 29.05 -26.98 -42.65
C TYR D 8 27.59 -27.26 -42.32
N THR D 9 27.32 -28.46 -41.80
CA THR D 9 25.99 -28.81 -41.34
C THR D 9 25.57 -27.88 -40.21
N ASP D 10 24.29 -27.49 -40.22
CA ASP D 10 23.78 -26.61 -39.17
C ASP D 10 24.01 -27.19 -37.78
N ALA D 11 23.96 -28.52 -37.65
CA ALA D 11 24.33 -29.16 -36.40
C ALA D 11 25.83 -29.16 -36.19
N GLN D 12 26.62 -29.23 -37.26
CA GLN D 12 28.06 -29.15 -37.14
C GLN D 12 28.48 -27.77 -36.63
N ILE D 13 27.86 -26.71 -37.16
CA ILE D 13 28.15 -25.36 -36.70
C ILE D 13 27.78 -25.21 -35.23
N GLN D 14 26.67 -25.83 -34.82
CA GLN D 14 26.25 -25.76 -33.42
C GLN D 14 27.29 -26.37 -32.50
N ARG D 15 27.84 -27.53 -32.88
CA ARG D 15 28.84 -28.17 -32.05
C ARG D 15 30.17 -27.41 -32.09
N LEU D 16 30.51 -26.82 -33.23
CA LEU D 16 31.75 -26.06 -33.32
C LEU D 16 31.70 -24.82 -32.45
N ARG D 17 30.54 -24.15 -32.40
CA ARG D 17 30.38 -22.96 -31.58
C ARG D 17 30.26 -23.26 -30.10
N GLU D 18 30.31 -24.53 -29.69
CA GLU D 18 30.20 -24.85 -28.27
C GLU D 18 31.47 -24.48 -27.52
N TYR D 19 32.63 -24.84 -28.07
CA TYR D 19 33.92 -24.54 -27.45
C TYR D 19 34.79 -23.61 -28.28
N GLY D 20 34.44 -23.34 -29.54
CA GLY D 20 35.26 -22.51 -30.41
C GLY D 20 34.54 -21.24 -30.80
N ASN D 21 35.32 -20.20 -31.05
CA ASN D 21 34.81 -18.88 -31.41
C ASN D 21 35.30 -18.46 -32.78
N GLY D 22 35.40 -19.43 -33.70
CA GLY D 22 35.75 -19.13 -35.08
C GLY D 22 34.52 -18.77 -35.90
N THR D 23 34.78 -18.39 -37.15
CA THR D 23 33.72 -18.06 -38.11
C THR D 23 33.49 -19.30 -38.99
N TYR D 24 32.79 -20.27 -38.41
CA TYR D 24 32.64 -21.58 -39.05
C TYR D 24 31.61 -21.60 -40.17
N GLU D 25 30.81 -20.54 -40.33
CA GLU D 25 29.78 -20.54 -41.36
C GLU D 25 30.38 -20.27 -42.74
N GLN D 26 31.47 -20.95 -43.08
CA GLN D 26 32.19 -20.70 -44.33
C GLN D 26 32.87 -22.00 -44.79
N LYS D 27 32.25 -22.66 -45.77
CA LYS D 27 32.67 -23.88 -46.47
C LYS D 27 33.43 -24.83 -45.53
N VAL D 28 34.55 -25.44 -45.97
CA VAL D 28 35.23 -26.64 -45.45
C VAL D 28 34.68 -27.87 -46.17
N PHE D 29 35.58 -28.68 -46.72
CA PHE D 29 35.22 -29.94 -47.39
C PHE D 29 35.90 -31.12 -46.72
N SER D 34 34.99 -34.07 -47.37
CA SER D 34 35.70 -34.75 -46.30
C SER D 34 36.00 -33.85 -45.09
N ARG D 35 34.97 -33.12 -44.63
CA ARG D 35 35.08 -32.35 -43.40
C ARG D 35 35.26 -33.25 -42.19
N ASP D 36 34.98 -34.55 -42.33
CA ASP D 36 35.40 -35.57 -41.37
C ASP D 36 36.75 -35.25 -40.75
N ALA D 37 37.71 -34.82 -41.58
CA ALA D 37 38.99 -34.31 -41.13
C ALA D 37 38.93 -32.82 -40.81
N ALA D 38 38.25 -32.03 -41.64
CA ALA D 38 38.23 -30.59 -41.47
C ALA D 38 37.08 -30.11 -40.59
N PHE D 39 36.34 -31.02 -39.96
CA PHE D 39 35.46 -30.73 -38.84
C PHE D 39 35.99 -31.27 -37.52
N SER D 40 36.86 -32.29 -37.56
CA SER D 40 37.45 -32.90 -36.38
C SER D 40 38.72 -32.18 -35.93
N LYS D 41 39.61 -31.82 -36.86
CA LYS D 41 40.77 -31.02 -36.50
C LYS D 41 40.34 -29.67 -35.93
N GLU D 42 39.33 -29.04 -36.54
CA GLU D 42 38.76 -27.82 -35.99
C GLU D 42 38.13 -28.07 -34.62
N MET D 43 37.55 -29.27 -34.42
CA MET D 43 37.07 -29.64 -33.09
C MET D 43 38.22 -29.73 -32.10
N SER D 44 39.34 -30.31 -32.53
CA SER D 44 40.51 -30.41 -31.65
C SER D 44 41.12 -29.03 -31.42
N VAL D 45 41.16 -28.20 -32.45
CA VAL D 45 41.69 -26.85 -32.29
C VAL D 45 40.83 -26.05 -31.31
N ALA D 46 39.50 -26.11 -31.45
CA ALA D 46 38.64 -25.32 -30.55
C ALA D 46 38.72 -25.81 -29.10
N SER D 47 38.84 -27.13 -28.91
CA SER D 47 38.92 -27.65 -27.55
C SER D 47 40.25 -27.29 -26.90
N THR D 48 41.34 -27.26 -27.69
CA THR D 48 42.64 -26.94 -27.14
C THR D 48 42.75 -25.46 -26.79
N ASP D 49 42.30 -24.59 -27.71
CA ASP D 49 42.32 -23.16 -27.44
C ASP D 49 41.42 -22.81 -26.25
N ASN D 50 40.28 -23.51 -26.12
CA ASN D 50 39.41 -23.29 -24.98
C ASN D 50 40.11 -23.66 -23.67
N GLU D 51 40.85 -24.76 -23.67
CA GLU D 51 41.61 -25.15 -22.48
C GLU D 51 42.69 -24.13 -22.15
N LYS D 52 43.36 -23.60 -23.17
CA LYS D 52 44.40 -22.61 -22.93
C LYS D 52 43.83 -21.34 -22.32
N LYS D 53 42.66 -20.90 -22.79
CA LYS D 53 42.09 -19.65 -22.31
C LYS D 53 41.67 -19.76 -20.84
N ILE D 54 41.16 -20.93 -20.43
CA ILE D 54 40.76 -21.10 -19.04
C ILE D 54 41.97 -21.06 -18.12
N LYS D 55 43.02 -21.80 -18.47
CA LYS D 55 44.23 -21.81 -17.66
C LYS D 55 44.86 -20.43 -17.59
N GLY D 56 44.82 -19.68 -18.70
CA GLY D 56 45.32 -18.31 -18.68
C GLY D 56 44.51 -17.42 -17.77
N MET D 57 43.20 -17.65 -17.70
CA MET D 57 42.36 -16.88 -16.78
C MET D 57 42.70 -17.21 -15.33
N ILE D 58 42.91 -18.51 -15.04
CA ILE D 58 43.32 -18.90 -13.69
C ILE D 58 44.70 -18.35 -13.37
N ALA D 59 45.61 -18.35 -14.35
CA ALA D 59 46.96 -17.84 -14.13
C ALA D 59 46.95 -16.34 -13.89
N ASN D 60 46.05 -15.59 -14.53
CA ASN D 60 45.94 -14.15 -14.40
C ASN D 60 44.48 -13.77 -14.20
N PRO D 61 43.97 -13.91 -12.98
CA PRO D 61 42.57 -13.55 -12.73
C PRO D 61 42.31 -12.08 -13.01
N SER D 62 41.14 -11.79 -13.56
CA SER D 62 40.77 -10.44 -13.95
C SER D 62 39.29 -10.22 -13.66
N ARG D 63 38.88 -8.96 -13.71
CA ARG D 63 37.46 -8.63 -13.63
C ARG D 63 36.70 -9.27 -14.79
N HIS D 64 35.43 -9.56 -14.55
CA HIS D 64 34.61 -10.18 -15.58
C HIS D 64 34.48 -9.25 -16.78
N GLY D 65 34.48 -9.84 -17.98
CA GLY D 65 34.41 -9.05 -19.20
C GLY D 65 33.17 -8.20 -19.29
N LEU D 66 32.05 -8.68 -18.75
CA LEU D 66 30.82 -7.88 -18.79
C LEU D 66 30.88 -6.73 -17.81
N THR D 67 31.38 -6.98 -16.59
CA THR D 67 31.56 -5.89 -15.64
C THR D 67 32.59 -4.88 -16.12
N GLN D 68 33.60 -5.35 -16.86
CA GLN D 68 34.59 -4.43 -17.44
C GLN D 68 33.95 -3.54 -18.49
N LEU D 69 33.06 -4.11 -19.32
CA LEU D 69 32.36 -3.31 -20.32
C LEU D 69 31.47 -2.26 -19.66
N MET D 70 30.78 -2.64 -18.58
CA MET D 70 29.92 -1.69 -17.90
C MET D 70 30.72 -0.56 -17.28
N ASN D 71 31.86 -0.86 -16.65
CA ASN D 71 32.69 0.18 -16.06
C ASN D 71 33.26 1.09 -17.13
N ASP D 72 33.68 0.53 -18.27
CA ASP D 72 34.25 1.35 -19.33
C ASP D 72 33.22 2.34 -19.89
N ILE D 73 31.98 1.88 -20.07
CA ILE D 73 30.95 2.74 -20.64
C ILE D 73 30.45 3.73 -19.59
N ALA D 74 30.29 3.28 -18.35
CA ALA D 74 29.74 4.16 -17.31
C ALA D 74 30.68 5.33 -17.00
N ASP D 75 31.99 5.06 -16.92
CA ASP D 75 32.94 6.13 -16.65
C ASP D 75 32.94 7.17 -17.76
N ALA D 76 32.79 6.73 -19.01
CA ALA D 76 32.74 7.67 -20.13
C ALA D 76 31.48 8.51 -20.09
N LEU D 77 30.38 7.96 -19.58
CA LEU D 77 29.13 8.72 -19.52
C LEU D 77 29.11 9.68 -18.33
N VAL D 78 29.68 9.27 -17.21
CA VAL D 78 29.82 10.19 -16.09
C VAL D 78 30.72 11.37 -16.48
N ALA D 79 31.75 11.10 -17.27
CA ALA D 79 32.62 12.17 -17.76
C ALA D 79 31.90 13.10 -18.72
N GLU D 80 30.76 12.69 -19.27
CA GLU D 80 29.97 13.53 -20.15
C GLU D 80 28.79 14.18 -19.43
N GLY D 81 28.72 14.07 -18.11
CA GLY D 81 27.70 14.73 -17.33
C GLY D 81 26.48 13.90 -16.99
N PHE D 82 26.56 12.57 -17.08
CA PHE D 82 25.42 11.71 -16.81
C PHE D 82 25.50 11.18 -15.38
N ILE D 83 24.37 11.21 -14.68
CA ILE D 83 24.27 10.60 -13.36
C ILE D 83 24.00 9.10 -13.54
N GLU D 84 24.78 8.27 -12.86
CA GLU D 84 24.50 6.84 -12.86
C GLU D 84 23.46 6.53 -11.81
N VAL D 85 22.34 5.95 -12.22
CA VAL D 85 21.28 5.54 -11.32
C VAL D 85 21.19 4.03 -11.30
N ARG D 86 20.59 3.51 -10.23
CA ARG D 86 20.36 2.07 -10.08
C ARG D 86 18.94 1.89 -9.55
N THR D 87 18.12 1.17 -10.29
CA THR D 87 16.70 1.03 -9.99
C THR D 87 16.36 -0.43 -9.70
N PRO D 88 15.28 -0.70 -8.98
CA PRO D 88 14.94 -2.08 -8.66
C PRO D 88 14.57 -2.89 -9.89
N ILE D 89 14.87 -4.19 -9.82
CA ILE D 89 14.46 -5.09 -10.89
C ILE D 89 12.95 -5.31 -10.84
N PHE D 90 12.35 -5.25 -9.65
CA PHE D 90 10.91 -5.37 -9.52
C PHE D 90 10.23 -4.08 -9.95
N ILE D 91 9.22 -4.19 -10.81
CA ILE D 91 8.37 -3.06 -11.17
C ILE D 91 6.93 -3.46 -10.97
N SER D 92 6.08 -2.47 -10.69
CA SER D 92 4.68 -2.74 -10.41
C SER D 92 3.90 -3.01 -11.69
N LYS D 93 2.77 -3.70 -11.54
CA LYS D 93 1.88 -3.92 -12.67
C LYS D 93 1.34 -2.60 -13.21
N ASP D 94 1.10 -1.62 -12.33
CA ASP D 94 0.62 -0.32 -12.78
C ASP D 94 1.66 0.41 -13.61
N ALA D 95 2.95 0.20 -13.32
CA ALA D 95 4.00 0.81 -14.13
C ALA D 95 4.03 0.21 -15.54
N LEU D 96 3.78 -1.10 -15.65
CA LEU D 96 3.65 -1.71 -16.96
C LEU D 96 2.39 -1.23 -17.67
N ALA D 97 1.32 -0.97 -16.92
CA ALA D 97 0.09 -0.47 -17.54
C ALA D 97 0.26 0.96 -18.05
N ARG D 98 1.11 1.75 -17.40
CA ARG D 98 1.44 3.07 -17.95
C ARG D 98 2.32 2.94 -19.19
N MET D 99 3.10 1.88 -19.28
CA MET D 99 3.77 1.50 -20.52
C MET D 99 2.82 0.79 -21.48
N THR D 100 1.51 0.98 -21.29
CA THR D 100 0.42 0.39 -22.09
C THR D 100 0.60 -1.12 -22.29
N ILE D 101 1.37 -1.77 -21.42
CA ILE D 101 1.52 -3.22 -21.45
C ILE D 101 0.41 -3.80 -20.57
N THR D 102 -0.66 -4.25 -21.22
CA THR D 102 -1.82 -4.82 -20.54
C THR D 102 -2.05 -6.24 -21.01
N GLU D 103 -3.04 -6.90 -20.41
CA GLU D 103 -3.29 -8.32 -20.68
C GLU D 103 -3.45 -8.59 -22.17
N ASP D 104 -4.26 -7.78 -22.85
CA ASP D 104 -4.61 -8.04 -24.24
C ASP D 104 -3.57 -7.47 -25.22
N LYS D 105 -2.29 -7.71 -24.94
CA LYS D 105 -1.27 -7.13 -25.80
C LYS D 105 -0.08 -8.07 -25.90
N PRO D 106 0.64 -8.05 -27.03
CA PRO D 106 1.60 -9.11 -27.34
C PRO D 106 2.76 -9.25 -26.34
N LEU D 107 3.54 -8.19 -26.13
CA LEU D 107 4.70 -8.29 -25.24
C LEU D 107 4.32 -8.54 -23.79
N PHE D 108 3.03 -8.52 -23.45
CA PHE D 108 2.60 -8.89 -22.10
C PHE D 108 2.97 -10.33 -21.77
N LYS D 109 2.94 -11.22 -22.76
CA LYS D 109 3.33 -12.61 -22.54
C LYS D 109 4.82 -12.76 -22.27
N GLN D 110 5.63 -11.76 -22.62
CA GLN D 110 7.07 -11.81 -22.38
C GLN D 110 7.44 -11.54 -20.93
N VAL D 111 6.51 -11.07 -20.11
CA VAL D 111 6.82 -10.56 -18.78
C VAL D 111 6.87 -11.70 -17.78
N PHE D 112 7.94 -11.74 -16.99
CA PHE D 112 8.06 -12.66 -15.87
C PHE D 112 7.34 -12.06 -14.67
N TRP D 113 6.24 -12.68 -14.25
CA TRP D 113 5.46 -12.16 -13.14
C TRP D 113 5.94 -12.75 -11.82
N ILE D 114 6.05 -11.89 -10.81
CA ILE D 114 6.50 -12.30 -9.49
C ILE D 114 5.32 -12.63 -8.58
N ASP D 115 4.27 -11.83 -8.63
CA ASP D 115 3.03 -12.12 -7.94
C ASP D 115 1.91 -11.42 -8.71
N GLU D 116 0.78 -11.19 -8.05
CA GLU D 116 -0.35 -10.54 -8.72
C GLU D 116 -0.11 -9.06 -8.98
N LYS D 117 0.92 -8.47 -8.37
CA LYS D 117 1.13 -7.03 -8.44
C LYS D 117 2.47 -6.62 -9.04
N ARG D 118 3.49 -7.48 -9.02
CA ARG D 118 4.84 -7.09 -9.40
C ARG D 118 5.42 -8.07 -10.40
N ALA D 119 6.41 -7.60 -11.16
CA ALA D 119 7.02 -8.39 -12.20
C ALA D 119 8.48 -8.00 -12.34
N LEU D 120 9.26 -8.91 -12.95
CA LEU D 120 10.61 -8.57 -13.36
C LEU D 120 10.56 -7.58 -14.52
N ARG D 121 11.42 -6.58 -14.49
CA ARG D 121 11.39 -5.57 -15.53
C ARG D 121 11.85 -6.15 -16.86
N PRO D 122 11.09 -5.97 -17.95
CA PRO D 122 11.60 -6.33 -19.27
C PRO D 122 12.37 -5.21 -19.94
N MET D 123 12.41 -4.03 -19.32
CA MET D 123 13.08 -2.87 -19.87
C MET D 123 13.32 -1.87 -18.75
N LEU D 124 14.26 -0.96 -18.97
CA LEU D 124 14.62 0.04 -17.98
C LEU D 124 13.75 1.29 -18.04
N ALA D 125 12.93 1.44 -19.08
CA ALA D 125 12.19 2.68 -19.27
C ALA D 125 11.23 3.03 -18.14
N PRO D 126 10.43 2.12 -17.58
CA PRO D 126 9.50 2.53 -16.51
C PRO D 126 10.20 3.17 -15.32
N ASN D 127 11.28 2.55 -14.82
CA ASN D 127 12.00 3.12 -13.70
C ASN D 127 12.73 4.41 -14.09
N LEU D 128 13.18 4.50 -15.35
CA LEU D 128 13.86 5.71 -15.78
C LEU D 128 12.89 6.86 -15.99
N TYR D 129 11.69 6.55 -16.50
CA TYR D 129 10.63 7.57 -16.58
C TYR D 129 10.37 8.18 -15.21
N SER D 130 10.40 7.36 -14.16
CA SER D 130 10.14 7.85 -12.81
C SER D 130 11.28 8.74 -12.31
N VAL D 131 12.52 8.31 -12.54
CA VAL D 131 13.67 9.03 -11.97
C VAL D 131 13.91 10.35 -12.71
N MET D 132 13.84 10.33 -14.04
CA MET D 132 14.08 11.55 -14.80
C MET D 132 13.00 12.60 -14.54
N ARG D 133 11.79 12.16 -14.21
CA ARG D 133 10.73 13.12 -13.90
C ARG D 133 10.90 13.72 -12.51
N ASP D 134 11.39 12.92 -11.56
CA ASP D 134 11.59 13.43 -10.21
C ASP D 134 12.80 14.37 -10.15
N LEU D 135 13.84 14.08 -10.91
CA LEU D 135 15.02 14.95 -10.94
C LEU D 135 14.72 16.28 -11.64
N ARG D 136 13.73 16.30 -12.53
CA ARG D 136 13.32 17.56 -13.15
C ARG D 136 12.81 18.54 -12.10
N ASP D 137 12.28 18.05 -10.99
CA ASP D 137 11.82 18.92 -9.91
C ASP D 137 12.95 19.64 -9.19
N HIS D 138 14.21 19.25 -9.43
CA HIS D 138 15.33 19.80 -8.67
C HIS D 138 16.30 20.61 -9.52
N THR D 139 16.00 20.84 -10.79
CA THR D 139 16.91 21.59 -11.65
C THR D 139 16.14 22.15 -12.84
N ASP D 140 16.69 23.22 -13.41
CA ASP D 140 16.16 23.83 -14.62
C ASP D 140 16.87 23.37 -15.89
N GLY D 141 18.09 22.87 -15.77
CA GLY D 141 18.87 22.46 -16.92
C GLY D 141 18.66 21.02 -17.30
N PRO D 142 19.62 20.45 -18.02
CA PRO D 142 19.46 19.09 -18.52
C PRO D 142 19.44 18.06 -17.40
N VAL D 143 18.55 17.08 -17.54
CA VAL D 143 18.50 15.93 -16.65
C VAL D 143 19.13 14.77 -17.42
N LYS D 144 20.36 14.42 -17.05
CA LYS D 144 21.12 13.38 -17.73
C LYS D 144 21.36 12.24 -16.75
N ILE D 145 20.70 11.11 -16.97
CA ILE D 145 20.89 9.90 -16.17
C ILE D 145 21.09 8.71 -17.10
N PHE D 146 21.63 7.64 -16.53
CA PHE D 146 21.77 6.38 -17.25
C PHE D 146 21.80 5.24 -16.25
N GLU D 147 21.49 4.05 -16.75
CA GLU D 147 21.47 2.85 -15.92
C GLU D 147 21.86 1.64 -16.75
N MET D 148 22.62 0.73 -16.13
CA MET D 148 22.90 -0.58 -16.69
C MET D 148 22.42 -1.63 -15.71
N GLY D 149 21.59 -2.55 -16.18
CA GLY D 149 21.03 -3.57 -15.30
C GLY D 149 20.39 -4.68 -16.09
N SER D 150 20.03 -5.74 -15.35
CA SER D 150 19.42 -6.92 -15.95
C SER D 150 17.94 -6.68 -16.23
N CYS D 151 17.51 -7.13 -17.42
CA CYS D 151 16.11 -7.14 -17.80
C CYS D 151 15.73 -8.56 -18.21
N PHE D 152 14.43 -8.85 -18.16
CA PHE D 152 13.95 -10.22 -18.27
C PHE D 152 12.78 -10.30 -19.23
N ARG D 153 12.88 -11.22 -20.21
CA ARG D 153 11.81 -11.49 -21.16
C ARG D 153 11.78 -12.99 -21.42
N LYS D 154 10.57 -13.55 -21.51
CA LYS D 154 10.41 -14.97 -21.74
C LYS D 154 10.86 -15.34 -23.15
N GLU D 155 11.65 -16.41 -23.26
CA GLU D 155 12.18 -16.82 -24.56
C GLU D 155 11.08 -17.21 -25.52
N SER D 156 9.96 -17.76 -25.01
CA SER D 156 8.92 -18.30 -25.88
C SER D 156 8.24 -17.22 -26.72
N HIS D 157 8.24 -15.98 -26.25
CA HIS D 157 7.51 -14.91 -26.94
C HIS D 157 8.38 -13.74 -27.36
N SER D 158 9.70 -13.79 -27.10
CA SER D 158 10.59 -12.69 -27.45
C SER D 158 11.45 -12.96 -28.68
N GLY D 159 11.68 -14.21 -29.03
CA GLY D 159 12.61 -14.53 -30.10
C GLY D 159 14.07 -14.28 -29.77
N MET D 160 14.37 -13.78 -28.58
CA MET D 160 15.75 -13.57 -28.17
C MET D 160 16.36 -14.86 -27.67
N HIS D 161 17.69 -14.89 -27.66
CA HIS D 161 18.44 -16.04 -27.17
C HIS D 161 18.86 -15.89 -25.72
N LEU D 162 18.55 -14.75 -25.09
CA LEU D 162 18.82 -14.51 -23.68
C LEU D 162 17.51 -14.15 -22.99
N GLU D 163 17.24 -14.80 -21.86
CA GLU D 163 16.11 -14.42 -21.02
C GLU D 163 16.51 -13.33 -20.02
N GLU D 164 17.74 -13.38 -19.51
CA GLU D 164 18.32 -12.31 -18.73
C GLU D 164 19.38 -11.63 -19.59
N PHE D 165 19.22 -10.32 -19.78
CA PHE D 165 20.14 -9.56 -20.63
C PHE D 165 20.39 -8.21 -19.98
N THR D 166 21.61 -7.70 -20.17
CA THR D 166 22.03 -6.44 -19.57
C THR D 166 21.77 -5.29 -20.54
N MET D 167 20.93 -4.35 -20.13
CA MET D 167 20.56 -3.20 -20.94
C MET D 167 21.23 -1.95 -20.41
N LEU D 168 21.66 -1.09 -21.33
CA LEU D 168 22.12 0.26 -21.00
C LEU D 168 21.16 1.26 -21.62
N ASN D 169 20.62 2.16 -20.80
CA ASN D 169 19.71 3.20 -21.25
C ASN D 169 20.22 4.53 -20.74
N LEU D 170 20.46 5.47 -21.65
CA LEU D 170 20.76 6.84 -21.28
C LEU D 170 19.63 7.75 -21.75
N VAL D 171 19.45 8.87 -21.06
CA VAL D 171 18.41 9.83 -21.40
C VAL D 171 18.91 11.23 -21.11
N ASP D 172 18.75 12.13 -22.07
CA ASP D 172 19.11 13.54 -21.93
C ASP D 172 17.81 14.34 -22.02
N MET D 173 17.29 14.76 -20.87
CA MET D 173 16.01 15.45 -20.79
C MET D 173 16.25 16.96 -20.76
N GLY D 174 15.48 17.68 -21.58
CA GLY D 174 15.60 19.12 -21.65
C GLY D 174 15.83 19.61 -23.06
N PRO D 175 15.29 20.79 -23.38
CA PRO D 175 15.46 21.34 -24.74
C PRO D 175 16.92 21.66 -25.02
N ARG D 176 17.38 21.24 -26.19
CA ARG D 176 18.77 21.43 -26.59
C ARG D 176 18.81 21.80 -28.08
N GLY D 177 19.78 22.63 -28.43
CA GLY D 177 19.99 23.01 -29.81
C GLY D 177 20.32 21.83 -30.70
N ASP D 178 19.57 21.70 -31.80
CA ASP D 178 19.74 20.65 -32.80
C ASP D 178 19.35 19.27 -32.28
N ALA D 179 19.71 18.95 -31.03
CA ALA D 179 19.30 17.73 -30.35
C ALA D 179 19.80 16.47 -31.05
N THR D 180 19.51 16.32 -32.34
CA THR D 180 19.90 15.12 -33.08
C THR D 180 21.41 14.92 -33.06
N GLU D 181 22.17 15.99 -33.25
CA GLU D 181 23.62 15.88 -33.24
C GLU D 181 24.16 15.58 -31.85
N VAL D 182 23.45 16.01 -30.81
CA VAL D 182 23.87 15.70 -29.44
C VAL D 182 23.72 14.22 -29.16
N LEU D 183 22.58 13.64 -29.55
CA LEU D 183 22.35 12.22 -29.34
C LEU D 183 23.35 11.37 -30.10
N LYS D 184 23.77 11.81 -31.29
CA LYS D 184 24.77 11.07 -32.05
C LYS D 184 26.12 11.09 -31.34
N ASN D 185 26.46 12.21 -30.70
CA ASN D 185 27.69 12.26 -29.91
C ASN D 185 27.62 11.31 -28.73
N TYR D 186 26.45 11.20 -28.10
CA TYR D 186 26.28 10.24 -27.01
C TYR D 186 26.46 8.82 -27.52
N ILE D 187 25.92 8.51 -28.70
CA ILE D 187 26.12 7.19 -29.30
C ILE D 187 27.60 6.95 -29.56
N SER D 188 28.31 7.97 -30.00
CA SER D 188 29.74 7.83 -30.26
C SER D 188 30.52 7.59 -28.97
N VAL D 189 30.12 8.25 -27.87
CA VAL D 189 30.83 8.08 -26.61
C VAL D 189 30.68 6.66 -26.10
N VAL D 190 29.49 6.07 -26.26
CA VAL D 190 29.27 4.71 -25.79
C VAL D 190 30.03 3.70 -26.64
N MET D 191 29.91 3.82 -27.97
CA MET D 191 30.55 2.86 -28.86
C MET D 191 32.07 2.90 -28.74
N LYS D 192 32.63 4.11 -28.58
CA LYS D 192 34.08 4.23 -28.43
C LYS D 192 34.55 3.60 -27.13
N ALA D 193 33.88 3.91 -26.02
CA ALA D 193 34.26 3.34 -24.73
C ALA D 193 34.08 1.83 -24.70
N ALA D 194 33.12 1.32 -25.47
CA ALA D 194 32.90 -0.12 -25.56
C ALA D 194 33.93 -0.82 -26.45
N GLY D 195 34.75 -0.06 -27.18
CA GLY D 195 35.71 -0.64 -28.08
C GLY D 195 35.19 -0.97 -29.45
N LEU D 196 34.14 -0.28 -29.91
CA LEU D 196 33.53 -0.52 -31.21
C LEU D 196 33.34 0.81 -31.93
N PRO D 197 34.43 1.43 -32.40
CA PRO D 197 34.32 2.75 -33.04
C PRO D 197 33.79 2.70 -34.47
N ASP D 198 33.65 1.52 -35.07
CA ASP D 198 33.18 1.36 -36.44
C ASP D 198 31.75 0.84 -36.41
N TYR D 199 30.81 1.68 -36.86
CA TYR D 199 29.39 1.33 -36.85
C TYR D 199 28.68 2.16 -37.89
N ASP D 200 27.43 1.79 -38.16
CA ASP D 200 26.59 2.49 -39.13
C ASP D 200 25.38 3.08 -38.42
N LEU D 201 25.04 4.32 -38.79
CA LEU D 201 23.94 5.07 -38.17
C LEU D 201 22.80 5.15 -39.18
N VAL D 202 21.88 4.19 -39.12
CA VAL D 202 20.74 4.14 -40.02
C VAL D 202 19.62 5.00 -39.45
N GLN D 203 19.10 5.92 -40.25
CA GLN D 203 18.05 6.85 -39.87
C GLN D 203 16.78 6.51 -40.65
N GLU D 204 15.92 7.51 -40.87
CA GLU D 204 14.66 7.37 -41.61
C GLU D 204 13.70 6.41 -40.90
N GLU D 205 13.57 5.21 -41.44
CA GLU D 205 12.81 4.09 -40.85
C GLU D 205 11.29 4.30 -40.92
N SER D 206 10.56 3.46 -40.19
CA SER D 206 9.10 3.35 -40.28
C SER D 206 8.41 4.69 -40.08
N ASP D 207 8.29 5.15 -38.83
CA ASP D 207 7.63 6.41 -38.56
C ASP D 207 8.42 7.56 -39.17
N VAL D 208 7.69 8.58 -39.62
CA VAL D 208 8.28 9.74 -40.28
C VAL D 208 8.12 11.01 -39.47
N TYR D 209 7.35 10.99 -38.39
CA TYR D 209 7.32 12.08 -37.42
C TYR D 209 8.23 11.85 -36.24
N LYS D 210 8.83 10.66 -36.14
CA LYS D 210 9.79 10.34 -35.09
C LYS D 210 11.11 10.00 -35.78
N GLU D 211 12.15 10.77 -35.47
CA GLU D 211 13.46 10.41 -36.00
C GLU D 211 14.09 9.37 -35.09
N THR D 212 13.96 8.10 -35.47
CA THR D 212 14.61 7.00 -34.78
C THR D 212 15.94 6.70 -35.47
N ILE D 213 16.96 6.42 -34.67
CA ILE D 213 18.31 6.20 -35.16
C ILE D 213 18.78 4.84 -34.66
N ASP D 214 18.89 3.88 -35.57
CA ASP D 214 19.39 2.55 -35.25
C ASP D 214 20.88 2.47 -35.56
N VAL D 215 21.63 1.86 -34.66
CA VAL D 215 23.06 1.64 -34.82
C VAL D 215 23.28 0.16 -35.07
N GLU D 216 24.09 -0.16 -36.07
CA GLU D 216 24.34 -1.55 -36.45
C GLU D 216 25.80 -1.73 -36.83
N ILE D 217 26.26 -2.98 -36.70
CA ILE D 217 27.62 -3.37 -37.07
C ILE D 217 27.49 -4.60 -37.95
N ASN D 218 27.84 -4.46 -39.23
CA ASN D 218 27.69 -5.53 -40.23
C ASN D 218 26.24 -6.00 -40.30
N GLY D 219 25.32 -5.05 -40.33
CA GLY D 219 23.90 -5.36 -40.37
C GLY D 219 23.31 -5.88 -39.08
N GLN D 220 24.10 -5.95 -38.01
CA GLN D 220 23.63 -6.43 -36.72
C GLN D 220 23.37 -5.23 -35.82
N GLU D 221 22.09 -5.03 -35.48
CA GLU D 221 21.68 -3.90 -34.66
C GLU D 221 22.31 -3.97 -33.27
N VAL D 222 22.86 -2.85 -32.81
CA VAL D 222 23.54 -2.82 -31.52
C VAL D 222 22.93 -1.72 -30.64
N CYS D 223 22.13 -0.85 -31.22
CA CYS D 223 21.55 0.25 -30.46
C CYS D 223 20.34 0.81 -31.18
N SER D 224 19.41 1.34 -30.39
CA SER D 224 18.24 2.05 -30.90
C SER D 224 18.13 3.37 -30.14
N ALA D 225 18.02 4.46 -30.88
CA ALA D 225 17.97 5.80 -30.29
C ALA D 225 16.82 6.59 -30.91
N ALA D 226 16.44 7.66 -30.21
CA ALA D 226 15.33 8.51 -30.66
C ALA D 226 15.38 9.82 -29.89
N VAL D 227 14.85 10.87 -30.52
CA VAL D 227 14.69 12.18 -29.89
C VAL D 227 13.21 12.39 -29.65
N GLY D 228 12.86 12.86 -28.44
CA GLY D 228 11.50 12.98 -28.04
C GLY D 228 10.76 14.06 -28.82
N PRO D 229 9.48 14.24 -28.49
CA PRO D 229 8.77 13.54 -27.42
C PRO D 229 8.16 12.20 -27.86
N HIS D 230 7.88 11.32 -26.90
CA HIS D 230 7.28 10.03 -27.17
C HIS D 230 5.81 10.05 -26.79
N TYR D 231 5.06 9.09 -27.37
CA TYR D 231 3.63 8.99 -27.09
C TYR D 231 3.34 8.77 -25.61
N LEU D 232 4.22 8.05 -24.92
CA LEU D 232 4.01 7.71 -23.51
C LEU D 232 4.52 8.79 -22.56
N ASP D 233 5.06 9.90 -23.08
CA ASP D 233 5.60 10.94 -22.20
C ASP D 233 4.52 11.54 -21.32
N ALA D 234 3.33 11.79 -21.88
CA ALA D 234 2.25 12.39 -21.11
C ALA D 234 1.78 11.48 -19.99
N ALA D 235 1.77 10.16 -20.23
CA ALA D 235 1.36 9.21 -19.19
C ALA D 235 2.33 9.21 -18.01
N HIS D 236 3.58 9.59 -18.21
CA HIS D 236 4.57 9.66 -17.14
C HIS D 236 4.87 11.10 -16.73
N ASP D 237 3.96 12.04 -17.04
CA ASP D 237 4.10 13.44 -16.67
C ASP D 237 5.36 14.07 -17.25
N VAL D 238 5.78 13.62 -18.43
CA VAL D 238 6.92 14.17 -19.14
C VAL D 238 6.39 15.04 -20.28
N HIS D 239 6.75 16.33 -20.27
CA HIS D 239 6.24 17.29 -21.24
C HIS D 239 7.37 18.20 -21.73
N GLU D 240 8.42 17.59 -22.26
CA GLU D 240 9.57 18.33 -22.78
C GLU D 240 10.36 17.39 -23.67
N PRO D 241 11.12 17.93 -24.63
CA PRO D 241 11.93 17.07 -25.50
C PRO D 241 13.05 16.39 -24.73
N TRP D 242 13.35 15.16 -25.15
CA TRP D 242 14.39 14.37 -24.51
C TRP D 242 14.85 13.29 -25.48
N SER D 243 16.15 13.05 -25.52
CA SER D 243 16.73 12.03 -26.38
C SER D 243 17.27 10.88 -25.53
N GLY D 244 17.19 9.67 -26.09
CA GLY D 244 17.63 8.49 -25.38
C GLY D 244 18.11 7.41 -26.34
N ALA D 245 18.92 6.51 -25.78
CA ALA D 245 19.50 5.41 -26.56
C ALA D 245 19.61 4.18 -25.68
N GLY D 246 19.36 3.02 -26.28
CA GLY D 246 19.43 1.75 -25.57
C GLY D 246 20.44 0.83 -26.22
N PHE D 247 21.20 0.12 -25.38
CA PHE D 247 22.27 -0.77 -25.83
C PHE D 247 22.13 -2.12 -25.17
N GLY D 248 22.24 -3.20 -25.96
CA GLY D 248 22.37 -4.53 -25.40
C GLY D 248 23.82 -4.87 -25.15
N LEU D 249 24.22 -4.91 -23.88
CA LEU D 249 25.64 -5.00 -23.55
C LEU D 249 26.23 -6.37 -23.87
N GLU D 250 25.43 -7.44 -23.74
CA GLU D 250 25.92 -8.77 -24.10
C GLU D 250 26.24 -8.86 -25.58
N ARG D 251 25.50 -8.14 -26.43
CA ARG D 251 25.78 -8.16 -27.85
C ARG D 251 27.03 -7.33 -28.19
N LEU D 252 27.21 -6.19 -27.53
CA LEU D 252 28.42 -5.40 -27.73
C LEU D 252 29.66 -6.21 -27.38
N LEU D 253 29.59 -6.97 -26.28
CA LEU D 253 30.71 -7.83 -25.91
C LEU D 253 30.94 -8.92 -26.95
N THR D 254 29.86 -9.57 -27.40
CA THR D 254 29.98 -10.65 -28.35
C THR D 254 30.60 -10.18 -29.66
N ILE D 255 30.19 -9.00 -30.15
CA ILE D 255 30.72 -8.50 -31.41
C ILE D 255 32.18 -8.11 -31.27
N ARG D 256 32.54 -7.44 -30.16
CA ARG D 256 33.92 -6.98 -30.00
C ARG D 256 34.87 -8.15 -29.81
N GLU D 257 34.53 -9.10 -28.95
CA GLU D 257 35.38 -10.26 -28.69
C GLU D 257 35.26 -11.34 -29.76
N LYS D 258 34.40 -11.15 -30.75
CA LYS D 258 34.20 -12.13 -31.83
C LYS D 258 33.79 -13.49 -31.30
N TYR D 259 32.86 -13.49 -30.35
CA TYR D 259 32.32 -14.74 -29.83
C TYR D 259 31.29 -15.31 -30.80
N SER D 260 31.32 -16.62 -30.99
CA SER D 260 30.39 -17.29 -31.90
C SER D 260 28.97 -17.37 -31.36
N THR D 261 28.75 -16.94 -30.12
CA THR D 261 27.46 -17.08 -29.48
C THR D 261 27.28 -15.91 -28.53
N VAL D 262 26.03 -15.48 -28.36
CA VAL D 262 25.72 -14.38 -27.45
C VAL D 262 25.65 -14.83 -26.00
N LYS D 263 25.78 -16.13 -25.74
CA LYS D 263 25.70 -16.70 -24.40
C LYS D 263 27.06 -16.84 -23.73
N LYS D 264 28.13 -16.37 -24.37
CA LYS D 264 29.48 -16.62 -23.86
C LYS D 264 30.03 -15.46 -23.04
N GLY D 265 29.60 -14.23 -23.32
CA GLY D 265 30.19 -13.07 -22.67
C GLY D 265 29.53 -12.64 -21.38
N GLY D 266 28.26 -12.97 -21.19
CA GLY D 266 27.49 -12.51 -20.06
C GLY D 266 27.41 -13.50 -18.92
N ALA D 267 26.35 -13.39 -18.14
CA ALA D 267 26.16 -14.26 -16.98
C ALA D 267 25.88 -15.68 -17.42
N SER D 268 26.61 -16.64 -16.83
CA SER D 268 26.48 -18.04 -17.19
C SER D 268 27.16 -18.89 -16.15
N ILE D 269 26.76 -20.16 -16.09
CA ILE D 269 27.49 -21.19 -15.36
C ILE D 269 28.17 -22.17 -16.28
N SER D 270 28.07 -21.97 -17.59
CA SER D 270 28.79 -22.77 -18.58
C SER D 270 29.95 -22.02 -19.21
N TYR D 271 29.82 -20.72 -19.41
CA TYR D 271 30.83 -19.91 -20.08
C TYR D 271 31.40 -18.88 -19.13
N LEU D 272 32.71 -18.64 -19.25
CA LEU D 272 33.42 -17.63 -18.47
C LEU D 272 34.30 -16.84 -19.43
N ASN D 273 33.87 -15.64 -19.77
CA ASN D 273 34.61 -14.74 -20.66
C ASN D 273 34.93 -15.43 -21.98
N GLY D 274 33.92 -16.04 -22.59
CA GLY D 274 34.04 -16.63 -23.90
C GLY D 274 34.52 -18.07 -23.95
N ALA D 275 34.89 -18.65 -22.82
CA ALA D 275 35.38 -20.02 -22.76
C ALA D 275 34.41 -20.90 -21.98
N LYS D 276 34.20 -22.11 -22.47
CA LYS D 276 33.31 -23.07 -21.83
C LYS D 276 34.08 -23.81 -20.75
N ILE D 277 33.57 -23.80 -19.52
CA ILE D 277 34.27 -24.37 -18.38
C ILE D 277 33.73 -25.73 -17.98
N ASN D 278 32.69 -26.22 -18.65
CA ASN D 278 32.13 -27.55 -18.34
C ASN D 278 32.01 -28.41 -19.59
#